data_4KX7
#
_entry.id   4KX7
#
_cell.length_a   142.340
_cell.length_b   142.340
_cell.length_c   237.446
_cell.angle_alpha   90.00
_cell.angle_beta   90.00
_cell.angle_gamma   120.00
#
_symmetry.space_group_name_H-M   'P 64 2 2'
#
loop_
_entity.id
_entity.type
_entity.pdbx_description
1 polymer 'Glutamyl aminopeptidase'
2 branched 2-acetamido-2-deoxy-beta-D-glucopyranose-(1-4)-2-acetamido-2-deoxy-beta-D-glucopyranose
3 branched 2-acetamido-2-deoxy-beta-D-glucopyranose-(1-4)-2-acetamido-2-deoxy-beta-D-glucopyranose-(1-4)-2-acetamido-2-deoxy-beta-D-glucopyranose
4 non-polymer 'ZINC ION'
5 non-polymer 2-acetamido-2-deoxy-beta-D-glucopyranose
6 water water
#
_entity_poly.entity_id   1
_entity_poly.type   'polypeptide(L)'
_entity_poly.pdbx_seq_one_letter_code
;DICPASEDESGQWKNFRLPDFVNPVHYDLHVKPLLEEDTYTGTVSISINLSAPTRYLWLHLRETRITRLPELKRPSGDQV
QVRRCFEYKKQEYVVVEAEEELTPSSGDGLYLLTMEFAGWLNGSLVGFYRTTYTENGRVKSIAATDHEPTDARKSFPCFD
EPNKKATYTISITHPKEYGALSNMPVAKEESVDDKWTRTTFEKSVPMSTYLVCFAVHQFDSVKRISNSGKPLTIYVQPEQ
KHTAEYAANITKSVFDYFEEYFAMNYSLPKLDKIAIPDFGTGAMENWGLITYRETNLLYDPKESASSNQQRVATVVAHEL
VHQWFGNIVTMDWWEDLWLNEGFASFFEFLGVNHAETDWQMRDQMLLEDVLPVQEDDSLMSSHPIIVTVTTPDEITSVFD
GISYSKGSSILRMLEDWIKPENFQKGCQMYLEKYQFKNAKTSDFWAALEEASRLPVKEVMDTWTRQMGYPVLNVNGVKNI
TQKRFLLDPRANPSQPPSDLGYTWNIPVKWTEDNITSSVLFNRSEKEGITLNSSNPSGNAFLKINPDHIGFYRVNYEVAT
WDSIATALSLNHKTFSSADRASLIDDAFALARAQLLDYKVALNLTKYLKREENFLPWQRVISAVTYIISMFEDDKELYPM
IEEYFQGQVKPIADSLGWNDAGDHVTKLLRSSVLGFACKMGDREALNNASSLFEQWLNGTVSLPVNLRLLVYRYGMQNSG
NEISWNYTLEQYQKTSLAQEKEKLLYGLASVKNVTLLSRYLDLLKDTNLIKTQDVFTVIRYISYNSYGKNMAWNWIQLNW
DYLVNRYTLNNRNLGRIVTIAEPFNTELQLWQMESFFAKYPQAGAGEKPREQVLETVKNNIEWLKQHRNTIREWFFNLLE
SGHHHHHH
;
_entity_poly.pdbx_strand_id   A
#
loop_
_chem_comp.id
_chem_comp.type
_chem_comp.name
_chem_comp.formula
NAG D-saccharide, beta linking 2-acetamido-2-deoxy-beta-D-glucopyranose 'C8 H15 N O6'
ZN non-polymer 'ZINC ION' 'Zn 2'
#
# COMPACT_ATOMS: atom_id res chain seq x y z
N ASP A 1 -3.85 5.48 37.62
CA ASP A 1 -3.74 5.41 39.11
C ASP A 1 -2.28 5.25 39.60
N ILE A 2 -1.61 4.22 39.12
CA ILE A 2 -0.22 3.93 39.54
C ILE A 2 0.80 4.89 38.89
N CYS A 3 0.65 5.10 37.58
CA CYS A 3 1.35 6.18 36.89
C CYS A 3 0.30 7.16 36.38
N PRO A 4 -0.20 8.05 37.26
CA PRO A 4 -1.27 8.94 36.83
C PRO A 4 -0.80 9.90 35.75
N ALA A 5 -1.72 10.34 34.91
CA ALA A 5 -1.44 11.35 33.90
C ALA A 5 -1.06 12.66 34.60
N SER A 6 -0.03 13.31 34.08
CA SER A 6 0.36 14.64 34.55
C SER A 6 0.65 15.54 33.36
N GLU A 7 0.28 16.81 33.48
CA GLU A 7 0.52 17.79 32.42
C GLU A 7 1.85 18.54 32.61
N ASP A 8 2.76 17.95 33.37
CA ASP A 8 4.08 18.54 33.60
C ASP A 8 4.89 18.53 32.30
N GLU A 9 5.14 19.72 31.76
CA GLU A 9 5.87 19.88 30.50
C GLU A 9 7.36 20.11 30.68
N SER A 10 7.76 20.50 31.89
CA SER A 10 9.15 20.87 32.17
C SER A 10 10.09 19.66 32.26
N GLY A 11 10.29 19.00 31.12
CA GLY A 11 11.23 17.89 30.99
C GLY A 11 11.48 17.55 29.54
N GLN A 12 12.49 16.72 29.29
CA GLN A 12 12.85 16.27 27.94
C GLN A 12 11.75 15.40 27.33
N TRP A 13 10.87 14.89 28.18
CA TRP A 13 9.73 14.07 27.75
C TRP A 13 8.66 14.89 27.00
N LYS A 14 8.81 16.22 26.98
CA LYS A 14 7.93 17.09 26.21
C LYS A 14 8.28 16.99 24.73
N ASN A 15 9.48 16.49 24.44
CA ASN A 15 9.94 16.32 23.07
C ASN A 15 9.30 15.11 22.45
N PHE A 16 8.87 15.29 21.20
CA PHE A 16 8.27 14.24 20.40
C PHE A 16 9.25 13.09 20.18
N ARG A 17 10.50 13.41 19.90
CA ARG A 17 11.52 12.39 19.69
C ARG A 17 12.10 11.95 21.02
N LEU A 18 12.41 10.66 21.13
CA LEU A 18 13.15 10.10 22.27
C LEU A 18 14.52 10.76 22.33
N PRO A 19 15.12 10.85 23.53
CA PRO A 19 16.47 11.40 23.64
C PRO A 19 17.53 10.48 23.06
N ASP A 20 18.65 11.08 22.67
CA ASP A 20 19.78 10.40 22.05
C ASP A 20 20.57 9.52 23.04
N PHE A 21 20.55 9.91 24.31
CA PHE A 21 21.43 9.33 25.33
C PHE A 21 20.91 8.05 26.04
N VAL A 22 19.66 7.71 25.78
CA VAL A 22 19.09 6.47 26.29
C VAL A 22 18.91 5.48 25.15
N ASN A 23 19.59 4.35 25.26
CA ASN A 23 19.56 3.31 24.26
C ASN A 23 19.28 1.96 24.87
N PRO A 24 18.35 1.19 24.27
CA PRO A 24 18.10 -0.15 24.78
C PRO A 24 19.03 -1.14 24.12
N VAL A 25 19.27 -2.26 24.80
CA VAL A 25 20.14 -3.30 24.25
C VAL A 25 19.34 -4.59 24.13
N HIS A 26 18.63 -4.95 25.21
CA HIS A 26 17.89 -6.20 25.27
C HIS A 26 16.55 -6.09 25.98
N TYR A 27 15.54 -6.67 25.36
CA TYR A 27 14.21 -6.80 25.96
C TYR A 27 13.95 -8.23 26.43
N ASP A 28 13.56 -8.37 27.68
CA ASP A 28 13.05 -9.63 28.17
C ASP A 28 11.55 -9.45 28.34
N LEU A 29 10.79 -9.98 27.37
CA LEU A 29 9.34 -9.74 27.30
C LEU A 29 8.47 -10.98 27.56
N HIS A 30 7.63 -10.88 28.59
CA HIS A 30 6.67 -11.94 28.90
C HIS A 30 5.23 -11.44 28.93
N VAL A 31 4.35 -12.11 28.18
CA VAL A 31 2.92 -11.79 28.14
C VAL A 31 2.05 -13.01 28.45
N LYS A 32 0.92 -12.79 29.11
CA LYS A 32 -0.03 -13.85 29.39
C LYS A 32 -1.44 -13.35 29.06
N PRO A 33 -1.99 -13.79 27.91
CA PRO A 33 -3.37 -13.41 27.55
C PRO A 33 -4.41 -14.23 28.29
N LEU A 34 -5.49 -13.59 28.69
CA LEU A 34 -6.71 -14.28 29.09
C LEU A 34 -7.69 -14.22 27.91
N LEU A 35 -7.55 -15.15 26.98
CA LEU A 35 -8.25 -15.05 25.69
C LEU A 35 -9.75 -14.83 25.83
N GLU A 36 -10.41 -15.63 26.66
N GLU A 36 -10.41 -15.66 26.64
CA GLU A 36 -11.86 -15.55 26.81
CA GLU A 36 -11.85 -15.57 26.84
C GLU A 36 -12.33 -14.31 27.56
C GLU A 36 -12.26 -14.19 27.37
N GLU A 37 -11.38 -13.58 28.15
CA GLU A 37 -11.67 -12.32 28.85
C GLU A 37 -11.28 -11.06 28.05
N ASP A 38 -10.57 -11.25 26.94
CA ASP A 38 -10.03 -10.14 26.12
C ASP A 38 -9.11 -9.21 26.90
N THR A 39 -8.27 -9.79 27.76
CA THR A 39 -7.27 -9.04 28.51
C THR A 39 -5.94 -9.77 28.39
N TYR A 40 -4.87 -9.06 28.71
CA TYR A 40 -3.57 -9.69 28.89
C TYR A 40 -2.81 -8.92 29.94
N THR A 41 -1.81 -9.57 30.53
CA THR A 41 -0.86 -8.93 31.42
C THR A 41 0.53 -9.27 30.90
N GLY A 42 1.54 -8.64 31.46
CA GLY A 42 2.92 -8.91 31.10
C GLY A 42 3.94 -8.13 31.90
N THR A 43 5.18 -8.61 31.88
CA THR A 43 6.30 -7.89 32.45
C THR A 43 7.38 -7.75 31.38
N VAL A 44 8.02 -6.60 31.35
CA VAL A 44 9.13 -6.37 30.43
C VAL A 44 10.36 -5.86 31.19
N SER A 45 11.50 -6.51 30.95
CA SER A 45 12.79 -6.09 31.49
C SER A 45 13.67 -5.61 30.35
N ILE A 46 14.09 -4.35 30.42
CA ILE A 46 14.88 -3.74 29.35
C ILE A 46 16.26 -3.30 29.82
N SER A 47 17.31 -3.85 29.20
CA SER A 47 18.68 -3.42 29.47
C SER A 47 18.95 -2.11 28.71
N ILE A 48 19.45 -1.12 29.44
CA ILE A 48 19.52 0.26 28.96
C ILE A 48 20.92 0.84 29.04
N ASN A 49 21.43 1.32 27.90
CA ASN A 49 22.68 2.06 27.83
C ASN A 49 22.41 3.57 27.97
N LEU A 50 22.83 4.12 29.11
CA LEU A 50 22.64 5.53 29.43
C LEU A 50 23.91 6.31 29.11
N SER A 51 23.76 7.46 28.48
CA SER A 51 24.91 8.26 28.02
C SER A 51 25.02 9.63 28.66
N ALA A 52 24.02 10.03 29.43
CA ALA A 52 24.00 11.36 30.03
C ALA A 52 23.23 11.38 31.36
N PRO A 53 23.71 12.16 32.34
CA PRO A 53 23.01 12.29 33.62
C PRO A 53 21.55 12.69 33.44
N THR A 54 20.66 11.93 34.06
CA THR A 54 19.23 12.19 33.97
C THR A 54 18.55 11.73 35.26
N ARG A 55 17.55 12.50 35.69
CA ARG A 55 16.74 12.11 36.82
C ARG A 55 15.48 11.35 36.33
N TYR A 56 15.22 11.38 35.02
CA TYR A 56 14.04 10.73 34.46
C TYR A 56 14.40 9.69 33.39
N LEU A 57 13.62 8.62 33.32
CA LEU A 57 13.68 7.65 32.22
C LEU A 57 12.28 7.49 31.62
N TRP A 58 12.16 7.69 30.31
CA TRP A 58 10.86 7.60 29.65
C TRP A 58 10.86 6.82 28.33
N LEU A 59 9.71 6.23 28.02
CA LEU A 59 9.52 5.42 26.82
C LEU A 59 8.03 5.36 26.44
N HIS A 60 7.75 4.81 25.26
CA HIS A 60 6.40 4.85 24.71
C HIS A 60 5.46 3.83 25.35
N LEU A 61 4.25 4.30 25.63
CA LEU A 61 3.16 3.47 26.11
C LEU A 61 1.87 4.14 25.67
N ARG A 62 0.97 3.39 25.04
CA ARG A 62 -0.38 3.89 24.71
C ARG A 62 -1.47 2.88 25.05
N GLU A 63 -2.47 3.35 25.81
CA GLU A 63 -3.66 2.57 26.18
C GLU A 63 -3.44 1.49 27.25
N THR A 64 -2.59 0.51 26.95
CA THR A 64 -2.10 -0.42 27.94
C THR A 64 -1.55 0.36 29.13
N ARG A 65 -1.79 -0.13 30.35
CA ARG A 65 -1.38 0.58 31.57
C ARG A 65 -0.29 -0.15 32.35
N ILE A 66 0.51 0.63 33.08
CA ILE A 66 1.45 0.11 34.05
C ILE A 66 0.68 -0.31 35.31
N THR A 67 1.00 -1.48 35.84
CA THR A 67 0.28 -2.03 37.00
C THR A 67 1.15 -2.04 38.25
N ARG A 68 2.44 -2.35 38.09
CA ARG A 68 3.41 -2.30 39.19
C ARG A 68 4.39 -1.14 39.00
N LEU A 69 4.70 -0.47 40.12
CA LEU A 69 5.67 0.61 40.06
C LEU A 69 6.95 0.05 39.45
N PRO A 70 7.47 0.73 38.42
CA PRO A 70 8.65 0.23 37.71
C PRO A 70 9.85 0.11 38.65
N GLU A 71 10.76 -0.81 38.35
CA GLU A 71 11.98 -0.91 39.15
C GLU A 71 13.25 -0.88 38.31
N LEU A 72 14.16 0.00 38.72
CA LEU A 72 15.41 0.22 38.01
C LEU A 72 16.60 -0.41 38.74
N LYS A 73 17.55 -0.89 37.95
CA LYS A 73 18.74 -1.59 38.43
C LYS A 73 19.96 -0.83 37.92
N ARG A 74 20.91 -0.53 38.80
CA ARG A 74 22.20 0.04 38.37
C ARG A 74 22.97 -1.01 37.56
N PRO A 75 23.92 -0.56 36.70
CA PRO A 75 24.79 -1.51 36.00
C PRO A 75 25.55 -2.42 36.97
N SER A 76 25.80 -1.92 38.18
CA SER A 76 26.41 -2.72 39.24
C SER A 76 25.46 -3.81 39.73
N GLY A 77 24.17 -3.50 39.74
CA GLY A 77 23.13 -4.46 40.15
C GLY A 77 22.21 -3.98 41.24
N ASP A 78 22.55 -2.86 41.88
CA ASP A 78 21.79 -2.32 43.00
C ASP A 78 20.45 -1.73 42.55
N GLN A 79 19.44 -1.84 43.41
CA GLN A 79 18.12 -1.29 43.13
C GLN A 79 18.12 0.23 43.24
N VAL A 80 17.85 0.89 42.11
CA VAL A 80 17.75 2.34 42.07
C VAL A 80 16.36 2.75 42.59
N GLN A 81 16.34 3.62 43.60
CA GLN A 81 15.07 4.01 44.21
C GLN A 81 14.26 4.99 43.35
N VAL A 82 12.96 4.76 43.28
CA VAL A 82 12.07 5.49 42.39
C VAL A 82 11.10 6.37 43.18
N ARG A 83 11.08 7.66 42.86
CA ARG A 83 10.19 8.63 43.52
C ARG A 83 8.75 8.51 42.99
N ARG A 84 8.60 8.67 41.68
CA ARG A 84 7.29 8.66 41.03
C ARG A 84 7.38 7.99 39.68
N CYS A 85 6.23 7.59 39.16
CA CYS A 85 6.02 7.41 37.72
C CYS A 85 4.81 8.22 37.33
N PHE A 86 4.77 8.65 36.06
CA PHE A 86 3.66 9.42 35.51
C PHE A 86 3.55 9.21 34.01
N GLU A 87 2.32 9.35 33.50
CA GLU A 87 2.10 9.29 32.06
C GLU A 87 2.04 10.67 31.46
N TYR A 88 2.65 10.82 30.30
CA TYR A 88 2.62 12.08 29.57
C TYR A 88 1.92 11.86 28.23
N LYS A 89 0.62 12.17 28.18
CA LYS A 89 -0.25 11.81 27.05
C LYS A 89 0.17 12.45 25.74
N LYS A 90 0.48 13.75 25.79
CA LYS A 90 0.73 14.52 24.58
C LYS A 90 1.75 13.84 23.67
N GLN A 91 2.74 13.15 24.26
CA GLN A 91 3.76 12.49 23.46
C GLN A 91 3.83 10.97 23.69
N GLU A 92 2.77 10.41 24.27
CA GLU A 92 2.61 8.94 24.45
C GLU A 92 3.78 8.30 25.22
N TYR A 93 4.16 8.96 26.31
CA TYR A 93 5.24 8.52 27.17
C TYR A 93 4.72 8.07 28.52
N VAL A 94 5.37 7.08 29.10
CA VAL A 94 5.33 6.87 30.55
C VAL A 94 6.71 7.23 31.10
N VAL A 95 6.74 8.06 32.14
CA VAL A 95 7.99 8.56 32.69
C VAL A 95 8.17 8.16 34.16
N VAL A 96 9.37 7.71 34.51
CA VAL A 96 9.70 7.42 35.89
C VAL A 96 10.85 8.30 36.38
N GLU A 97 10.65 9.02 37.49
CA GLU A 97 11.73 9.80 38.09
C GLU A 97 12.42 9.12 39.28
N ALA A 98 13.72 8.94 39.15
CA ALA A 98 14.58 8.45 40.23
C ALA A 98 14.64 9.51 41.32
N GLU A 99 14.88 9.08 42.55
CA GLU A 99 14.99 10.00 43.66
C GLU A 99 16.03 11.07 43.43
N GLU A 100 17.21 10.69 42.94
CA GLU A 100 18.34 11.62 42.83
C GLU A 100 18.94 11.84 41.43
N GLU A 101 18.93 10.81 40.58
CA GLU A 101 19.56 10.84 39.24
C GLU A 101 20.79 9.96 39.23
N LEU A 102 21.09 9.34 38.09
CA LEU A 102 22.31 8.54 37.99
C LEU A 102 23.06 8.74 36.66
N THR A 103 24.32 8.32 36.66
CA THR A 103 25.29 8.63 35.61
C THR A 103 25.39 7.56 34.52
N PRO A 104 26.07 7.87 33.39
CA PRO A 104 26.27 6.96 32.25
C PRO A 104 26.74 5.53 32.57
N SER A 105 26.44 4.61 31.65
CA SER A 105 26.93 3.23 31.70
C SER A 105 28.20 3.11 30.86
N SER A 106 29.35 3.09 31.55
CA SER A 106 30.64 3.33 30.93
C SER A 106 31.32 2.13 30.25
N GLY A 107 31.01 0.93 30.71
CA GLY A 107 31.66 -0.28 30.20
C GLY A 107 30.73 -1.20 29.43
N ASP A 108 30.70 -2.47 29.84
CA ASP A 108 29.80 -3.48 29.28
C ASP A 108 28.57 -3.72 30.17
N GLY A 109 28.51 -3.01 31.30
CA GLY A 109 27.37 -3.06 32.22
C GLY A 109 26.27 -2.11 31.79
N LEU A 110 25.02 -2.49 32.08
CA LEU A 110 23.85 -1.73 31.63
C LEU A 110 22.80 -1.59 32.74
N TYR A 111 22.02 -0.52 32.70
CA TYR A 111 20.85 -0.37 33.56
C TYR A 111 19.79 -1.41 33.18
N LEU A 112 18.94 -1.78 34.13
CA LEU A 112 17.83 -2.68 33.83
C LEU A 112 16.52 -2.13 34.38
N LEU A 113 15.59 -1.83 33.47
CA LEU A 113 14.27 -1.31 33.82
C LEU A 113 13.20 -2.37 33.57
N THR A 114 12.45 -2.69 34.62
CA THR A 114 11.35 -3.63 34.49
C THR A 114 10.04 -3.00 34.91
N MET A 115 8.98 -3.30 34.15
CA MET A 115 7.67 -2.78 34.45
C MET A 115 6.59 -3.84 34.19
N GLU A 116 5.57 -3.84 35.03
CA GLU A 116 4.43 -4.72 34.87
C GLU A 116 3.30 -3.93 34.23
N PHE A 117 2.60 -4.57 33.31
CA PHE A 117 1.57 -3.90 32.54
C PHE A 117 0.39 -4.80 32.23
N ALA A 118 -0.75 -4.17 31.91
CA ALA A 118 -1.98 -4.87 31.55
C ALA A 118 -2.70 -4.13 30.41
N GLY A 119 -3.20 -4.90 29.45
CA GLY A 119 -3.89 -4.33 28.30
C GLY A 119 -5.12 -5.09 27.87
N TRP A 120 -5.75 -4.58 26.81
CA TRP A 120 -6.97 -5.16 26.26
C TRP A 120 -6.72 -5.82 24.90
N LEU A 121 -7.43 -6.92 24.65
CA LEU A 121 -7.36 -7.64 23.37
C LEU A 121 -8.53 -7.31 22.42
N ASN A 122 -9.44 -6.45 22.86
CA ASN A 122 -10.69 -6.20 22.16
C ASN A 122 -10.80 -4.82 21.54
N GLY A 123 -11.72 -4.69 20.59
CA GLY A 123 -12.04 -3.41 19.96
C GLY A 123 -10.93 -2.76 19.14
N SER A 124 -10.02 -3.57 18.63
CA SER A 124 -8.86 -3.02 17.89
C SER A 124 -8.14 -4.02 17.00
N LEU A 125 -7.53 -3.52 15.93
CA LEU A 125 -6.72 -4.36 15.06
C LEU A 125 -5.22 -4.05 15.16
N VAL A 126 -4.85 -3.25 16.17
CA VAL A 126 -3.45 -2.89 16.40
C VAL A 126 -3.02 -3.25 17.82
N GLY A 127 -1.71 -3.26 18.04
CA GLY A 127 -1.17 -3.75 19.31
C GLY A 127 -1.35 -5.25 19.32
N PHE A 128 -1.73 -5.76 20.49
CA PHE A 128 -1.95 -7.17 20.73
C PHE A 128 -3.46 -7.38 20.86
N TYR A 129 -4.04 -8.19 19.98
CA TYR A 129 -5.49 -8.36 19.93
C TYR A 129 -5.92 -9.78 19.62
N ARG A 130 -7.19 -10.06 19.87
CA ARG A 130 -7.79 -11.36 19.64
C ARG A 130 -8.91 -11.19 18.62
N THR A 131 -9.03 -12.16 17.73
CA THR A 131 -10.16 -12.22 16.81
C THR A 131 -10.64 -13.67 16.71
N THR A 132 -11.79 -13.88 16.09
CA THR A 132 -12.36 -15.23 16.05
C THR A 132 -12.67 -15.76 14.66
N TYR A 133 -12.92 -17.06 14.60
CA TYR A 133 -13.37 -17.70 13.37
C TYR A 133 -14.11 -18.95 13.76
N THR A 134 -14.80 -19.55 12.81
CA THR A 134 -15.62 -20.72 13.06
C THR A 134 -15.00 -21.95 12.42
N GLU A 135 -14.92 -23.03 13.20
CA GLU A 135 -14.38 -24.28 12.71
C GLU A 135 -15.28 -25.41 13.19
N ASN A 136 -15.80 -26.18 12.25
CA ASN A 136 -16.77 -27.24 12.56
C ASN A 136 -17.87 -26.80 13.52
N GLY A 137 -18.32 -25.55 13.37
CA GLY A 137 -19.43 -25.02 14.14
C GLY A 137 -19.04 -24.36 15.45
N ARG A 138 -17.76 -24.49 15.83
CA ARG A 138 -17.28 -23.93 17.08
C ARG A 138 -16.57 -22.60 16.85
N VAL A 139 -16.74 -21.66 17.77
CA VAL A 139 -16.03 -20.40 17.69
C VAL A 139 -14.62 -20.57 18.26
N LYS A 140 -13.62 -20.28 17.45
CA LYS A 140 -12.24 -20.41 17.87
C LYS A 140 -11.57 -19.05 17.93
N SER A 141 -10.49 -18.97 18.70
CA SER A 141 -9.77 -17.72 18.90
C SER A 141 -8.36 -17.76 18.38
N ILE A 142 -7.86 -16.60 17.97
CA ILE A 142 -6.46 -16.41 17.64
C ILE A 142 -6.08 -15.00 18.08
N ALA A 143 -4.90 -14.88 18.67
CA ALA A 143 -4.41 -13.59 19.12
C ALA A 143 -3.12 -13.32 18.41
N ALA A 144 -2.90 -12.06 18.04
CA ALA A 144 -1.70 -11.67 17.32
C ALA A 144 -1.41 -10.20 17.53
N THR A 145 -0.25 -9.77 17.08
CA THR A 145 0.16 -8.37 17.17
C THR A 145 0.29 -7.69 15.81
N ASP A 146 0.10 -6.37 15.79
CA ASP A 146 0.42 -5.55 14.63
C ASP A 146 0.87 -4.18 15.11
N HIS A 147 2.10 -3.79 14.74
CA HIS A 147 2.75 -2.63 15.34
C HIS A 147 3.05 -1.44 14.43
N GLU A 148 3.30 -1.68 13.14
CA GLU A 148 3.81 -0.61 12.27
C GLU A 148 2.77 0.47 11.95
N PRO A 149 3.11 1.75 12.17
CA PRO A 149 4.40 2.25 12.65
C PRO A 149 4.55 2.45 14.16
N THR A 150 3.53 2.97 14.84
CA THR A 150 3.68 3.34 16.25
C THR A 150 2.72 2.59 17.20
N ASP A 151 2.56 1.29 17.00
CA ASP A 151 1.64 0.49 17.81
C ASP A 151 2.29 -0.59 18.71
N ALA A 152 3.62 -0.75 18.63
CA ALA A 152 4.32 -1.63 19.58
C ALA A 152 4.08 -1.12 20.99
N ARG A 153 4.08 0.20 21.13
CA ARG A 153 3.82 0.88 22.40
C ARG A 153 2.43 0.58 23.00
N LYS A 154 1.51 0.03 22.21
CA LYS A 154 0.21 -0.44 22.71
C LYS A 154 0.33 -1.86 23.25
N SER A 155 1.11 -2.70 22.58
CA SER A 155 1.32 -4.06 23.04
C SER A 155 2.07 -4.09 24.38
N PHE A 156 3.20 -3.38 24.44
CA PHE A 156 4.03 -3.36 25.63
C PHE A 156 4.86 -2.06 25.69
N PRO A 157 5.27 -1.64 26.90
CA PRO A 157 6.09 -0.44 26.99
C PRO A 157 7.43 -0.65 26.26
N CYS A 158 7.81 0.28 25.39
CA CYS A 158 9.06 0.14 24.63
C CYS A 158 9.60 1.47 24.08
N PHE A 159 10.85 1.45 23.63
CA PHE A 159 11.45 2.60 22.94
C PHE A 159 11.06 2.52 21.47
N ASP A 160 9.87 3.03 21.18
CA ASP A 160 9.14 2.70 19.96
C ASP A 160 9.53 3.59 18.76
N GLU A 161 10.83 3.66 18.48
CA GLU A 161 11.34 4.32 17.27
C GLU A 161 12.19 3.30 16.51
N PRO A 162 12.12 3.32 15.16
CA PRO A 162 12.81 2.36 14.30
C PRO A 162 14.33 2.27 14.46
N ASN A 163 14.98 3.36 14.89
CA ASN A 163 16.42 3.31 15.11
C ASN A 163 16.83 2.77 16.47
N LYS A 164 15.88 2.61 17.40
CA LYS A 164 16.21 2.07 18.72
C LYS A 164 16.23 0.53 18.72
N LYS A 165 17.00 -0.03 17.80
CA LYS A 165 17.12 -1.49 17.66
C LYS A 165 17.67 -2.12 18.93
N ALA A 166 17.04 -3.22 19.32
CA ALA A 166 17.45 -4.00 20.47
C ALA A 166 17.21 -5.47 20.17
N THR A 167 17.74 -6.31 21.03
CA THR A 167 17.58 -7.76 20.89
C THR A 167 16.39 -8.22 21.76
N TYR A 168 15.75 -9.33 21.38
CA TYR A 168 14.50 -9.76 22.02
C TYR A 168 14.49 -11.22 22.41
N THR A 169 14.19 -11.47 23.68
CA THR A 169 13.83 -12.81 24.13
C THR A 169 12.40 -12.80 24.67
N ILE A 170 11.51 -13.41 23.89
CA ILE A 170 10.08 -13.38 24.16
C ILE A 170 9.59 -14.72 24.75
N SER A 171 8.73 -14.63 25.76
CA SER A 171 8.01 -15.79 26.28
C SER A 171 6.51 -15.48 26.42
N ILE A 172 5.68 -16.50 26.21
CA ILE A 172 4.23 -16.34 26.33
C ILE A 172 3.65 -17.48 27.17
N THR A 173 2.80 -17.13 28.12
CA THR A 173 2.02 -18.09 28.90
C THR A 173 0.59 -18.14 28.36
N HIS A 174 0.24 -19.29 27.77
CA HIS A 174 -1.01 -19.49 27.04
C HIS A 174 -1.67 -20.80 27.46
N PRO A 175 -2.98 -20.98 27.21
CA PRO A 175 -3.55 -22.30 27.47
C PRO A 175 -2.90 -23.36 26.58
N LYS A 176 -2.76 -24.58 27.08
CA LYS A 176 -2.03 -25.64 26.39
C LYS A 176 -2.64 -26.09 25.04
N GLU A 177 -3.95 -25.91 24.86
CA GLU A 177 -4.61 -26.25 23.58
C GLU A 177 -4.09 -25.36 22.45
N TYR A 178 -3.36 -24.30 22.79
CA TYR A 178 -2.84 -23.35 21.80
C TYR A 178 -1.35 -23.53 21.52
N GLY A 179 -0.94 -23.21 20.30
CA GLY A 179 0.47 -23.06 19.98
C GLY A 179 0.83 -21.59 20.11
N ALA A 180 2.11 -21.30 20.25
CA ALA A 180 2.62 -19.94 20.28
C ALA A 180 3.71 -19.73 19.23
N LEU A 181 3.57 -18.65 18.47
CA LEU A 181 4.53 -18.25 17.46
C LEU A 181 5.15 -16.89 17.78
N SER A 182 6.38 -16.70 17.31
CA SER A 182 7.03 -15.39 17.33
C SER A 182 8.05 -15.27 16.21
N ASN A 183 8.82 -14.18 16.24
CA ASN A 183 9.88 -13.93 15.28
C ASN A 183 10.87 -15.10 15.16
N MET A 184 11.23 -15.68 16.31
CA MET A 184 12.27 -16.71 16.38
C MET A 184 11.68 -18.10 16.61
N PRO A 185 12.47 -19.17 16.38
CA PRO A 185 11.99 -20.52 16.72
C PRO A 185 11.69 -20.65 18.20
N VAL A 186 10.94 -21.68 18.57
CA VAL A 186 10.71 -22.03 19.96
C VAL A 186 12.02 -22.54 20.57
N ALA A 187 12.38 -22.00 21.74
CA ALA A 187 13.53 -22.50 22.49
C ALA A 187 13.09 -23.59 23.48
N LYS A 188 12.14 -23.26 24.35
CA LYS A 188 11.62 -24.23 25.33
C LYS A 188 10.15 -24.02 25.72
N GLU A 189 9.48 -25.13 26.02
CA GLU A 189 8.10 -25.13 26.46
C GLU A 189 8.02 -25.82 27.82
N GLU A 190 7.35 -25.18 28.77
CA GLU A 190 7.22 -25.73 30.13
C GLU A 190 5.81 -25.56 30.69
N SER A 191 5.29 -26.62 31.31
CA SER A 191 3.94 -26.61 31.88
C SER A 191 3.90 -25.73 33.12
N VAL A 192 3.06 -24.70 33.11
CA VAL A 192 2.84 -23.88 34.29
C VAL A 192 1.87 -24.64 35.21
N ASP A 193 0.65 -24.84 34.73
CA ASP A 193 -0.33 -25.71 35.34
C ASP A 193 -0.43 -26.96 34.48
N ASP A 194 -1.42 -27.80 34.76
CA ASP A 194 -1.83 -28.81 33.80
C ASP A 194 -2.74 -28.18 32.72
N LYS A 195 -3.01 -26.88 32.83
CA LYS A 195 -3.82 -26.14 31.86
C LYS A 195 -3.02 -25.15 31.02
N TRP A 196 -1.92 -24.65 31.58
CA TRP A 196 -1.14 -23.58 30.95
C TRP A 196 0.28 -24.01 30.54
N THR A 197 0.77 -23.39 29.47
CA THR A 197 2.13 -23.62 28.95
C THR A 197 2.87 -22.30 28.83
N ARG A 198 4.17 -22.31 29.16
CA ARG A 198 5.04 -21.17 28.94
C ARG A 198 5.98 -21.46 27.76
N THR A 199 5.78 -20.73 26.67
CA THR A 199 6.56 -20.91 25.45
C THR A 199 7.62 -19.81 25.38
N THR A 200 8.89 -20.19 25.45
CA THR A 200 10.01 -19.25 25.37
C THR A 200 10.70 -19.39 24.02
N PHE A 201 10.92 -18.26 23.34
CA PHE A 201 11.57 -18.26 22.03
C PHE A 201 13.04 -17.90 22.16
N GLU A 202 13.88 -18.34 21.22
CA GLU A 202 15.31 -18.02 21.30
C GLU A 202 15.60 -16.55 21.02
N LYS A 203 16.74 -16.06 21.53
CA LYS A 203 17.10 -14.64 21.43
C LYS A 203 17.01 -14.16 19.99
N SER A 204 16.52 -12.93 19.81
CA SER A 204 16.46 -12.36 18.47
C SER A 204 17.79 -11.70 18.11
N VAL A 205 17.96 -11.45 16.82
CA VAL A 205 18.98 -10.52 16.36
C VAL A 205 18.50 -9.11 16.73
N PRO A 206 19.41 -8.11 16.72
CA PRO A 206 18.94 -6.73 16.91
C PRO A 206 17.86 -6.36 15.87
N MET A 207 16.76 -5.79 16.33
CA MET A 207 15.63 -5.42 15.45
C MET A 207 14.78 -4.29 16.02
N SER A 208 13.98 -3.66 15.15
CA SER A 208 13.11 -2.55 15.53
C SER A 208 11.83 -3.04 16.21
N THR A 209 11.29 -2.22 17.11
CA THR A 209 10.06 -2.54 17.84
C THR A 209 8.89 -2.86 16.91
N TYR A 210 8.73 -2.11 15.82
CA TYR A 210 7.61 -2.33 14.91
C TYR A 210 7.62 -3.71 14.26
N LEU A 211 8.76 -4.39 14.29
CA LEU A 211 8.89 -5.74 13.71
C LEU A 211 8.61 -6.87 14.71
N VAL A 212 8.57 -6.55 15.99
CA VAL A 212 8.30 -7.55 17.04
C VAL A 212 6.88 -8.11 16.91
N CYS A 213 6.78 -9.44 16.87
CA CYS A 213 5.49 -10.11 16.67
C CYS A 213 5.38 -11.41 17.46
N PHE A 214 4.19 -11.64 17.99
CA PHE A 214 3.83 -12.93 18.58
C PHE A 214 2.37 -13.25 18.30
N ALA A 215 2.05 -14.55 18.35
CA ALA A 215 0.69 -15.02 18.08
C ALA A 215 0.36 -16.27 18.88
N VAL A 216 -0.90 -16.40 19.25
CA VAL A 216 -1.40 -17.59 19.93
C VAL A 216 -2.52 -18.14 19.05
N HIS A 217 -2.37 -19.39 18.61
CA HIS A 217 -3.21 -19.92 17.53
C HIS A 217 -3.45 -21.41 17.63
N GLN A 218 -4.45 -21.88 16.90
CA GLN A 218 -4.71 -23.31 16.72
C GLN A 218 -4.77 -23.68 15.22
N PHE A 219 -3.88 -23.08 14.43
CA PHE A 219 -3.83 -23.28 12.97
C PHE A 219 -3.04 -24.53 12.56
N ASP A 220 -3.44 -25.14 11.46
CA ASP A 220 -2.67 -26.20 10.80
C ASP A 220 -1.52 -25.52 10.03
N SER A 221 -0.72 -26.30 9.31
CA SER A 221 0.39 -25.72 8.54
C SER A 221 0.71 -26.46 7.25
N VAL A 222 1.26 -25.71 6.30
CA VAL A 222 1.77 -26.24 5.03
C VAL A 222 3.23 -25.85 5.04
N LYS A 223 4.10 -26.81 4.73
CA LYS A 223 5.53 -26.68 4.99
C LYS A 223 6.39 -26.72 3.73
N ARG A 224 7.48 -25.97 3.75
CA ARG A 224 8.50 -26.04 2.69
C ARG A 224 9.89 -25.79 3.25
N ILE A 225 10.90 -26.21 2.49
CA ILE A 225 12.29 -26.05 2.91
C ILE A 225 13.07 -25.26 1.86
N SER A 226 13.71 -24.17 2.30
CA SER A 226 14.52 -23.34 1.42
C SER A 226 15.75 -24.11 0.93
N ASN A 227 16.45 -23.54 -0.05
CA ASN A 227 17.75 -24.08 -0.46
C ASN A 227 18.76 -24.01 0.69
N SER A 228 18.57 -23.03 1.57
CA SER A 228 19.38 -22.85 2.79
C SER A 228 19.20 -24.02 3.77
N GLY A 229 18.13 -24.78 3.61
CA GLY A 229 17.79 -25.85 4.55
C GLY A 229 16.91 -25.39 5.70
N LYS A 230 16.37 -24.19 5.57
CA LYS A 230 15.56 -23.57 6.63
C LYS A 230 14.07 -23.76 6.35
N PRO A 231 13.28 -24.08 7.42
CA PRO A 231 11.85 -24.30 7.23
C PRO A 231 11.06 -23.03 6.94
N LEU A 232 10.31 -23.04 5.85
CA LEU A 232 9.37 -21.97 5.50
C LEU A 232 7.96 -22.56 5.60
N THR A 233 7.21 -22.13 6.61
CA THR A 233 5.89 -22.68 6.81
C THR A 233 4.80 -21.60 6.82
N ILE A 234 3.65 -21.97 6.25
CA ILE A 234 2.50 -21.10 6.23
C ILE A 234 1.43 -21.71 7.12
N TYR A 235 1.04 -20.95 8.15
CA TYR A 235 0.01 -21.39 9.07
C TYR A 235 -1.34 -20.95 8.53
N VAL A 236 -2.34 -21.84 8.66
CA VAL A 236 -3.63 -21.70 7.98
C VAL A 236 -4.69 -22.54 8.70
N GLN A 237 -5.93 -22.03 8.76
CA GLN A 237 -7.05 -22.79 9.32
C GLN A 237 -7.15 -24.13 8.62
N PRO A 238 -7.40 -25.21 9.38
CA PRO A 238 -7.55 -26.54 8.78
C PRO A 238 -8.49 -26.58 7.56
N GLU A 239 -9.67 -25.96 7.66
CA GLU A 239 -10.62 -26.02 6.55
C GLU A 239 -10.15 -25.26 5.31
N GLN A 240 -9.19 -24.36 5.51
CA GLN A 240 -8.60 -23.57 4.42
C GLN A 240 -7.22 -24.08 4.01
N LYS A 241 -6.82 -25.26 4.51
CA LYS A 241 -5.42 -25.71 4.36
C LYS A 241 -4.98 -25.80 2.89
N HIS A 242 -5.87 -26.30 2.04
CA HIS A 242 -5.60 -26.44 0.61
C HIS A 242 -5.27 -25.12 -0.09
N THR A 243 -5.74 -24.00 0.46
CA THR A 243 -5.54 -22.69 -0.16
C THR A 243 -4.21 -22.04 0.21
N ALA A 244 -3.38 -22.75 0.98
CA ALA A 244 -2.07 -22.25 1.37
C ALA A 244 -0.96 -22.73 0.43
N GLU A 245 -1.30 -23.67 -0.45
CA GLU A 245 -0.34 -24.30 -1.36
C GLU A 245 0.42 -23.31 -2.24
N TYR A 246 -0.32 -22.43 -2.94
CA TYR A 246 0.29 -21.49 -3.87
C TYR A 246 1.25 -20.54 -3.15
N ALA A 247 0.80 -19.98 -2.04
CA ALA A 247 1.65 -19.09 -1.23
C ALA A 247 2.92 -19.80 -0.81
N ALA A 248 2.79 -21.09 -0.49
CA ALA A 248 3.93 -21.89 -0.05
C ALA A 248 4.95 -22.02 -1.18
N ASN A 249 4.43 -22.29 -2.38
CA ASN A 249 5.26 -22.37 -3.56
C ASN A 249 6.02 -21.07 -3.82
N ILE A 250 5.30 -19.95 -3.88
CA ILE A 250 5.91 -18.65 -4.16
C ILE A 250 6.92 -18.24 -3.07
N THR A 251 6.61 -18.53 -1.80
CA THR A 251 7.52 -18.22 -0.71
C THR A 251 8.87 -18.89 -0.95
N LYS A 252 8.84 -20.20 -1.20
CA LYS A 252 10.02 -20.97 -1.57
C LYS A 252 10.81 -20.33 -2.72
N SER A 253 10.15 -20.18 -3.86
CA SER A 253 10.77 -19.67 -5.08
C SER A 253 11.39 -18.29 -4.89
N VAL A 254 10.65 -17.39 -4.23
CA VAL A 254 11.08 -16.01 -4.09
C VAL A 254 12.11 -15.84 -2.96
N PHE A 255 11.98 -16.65 -1.91
CA PHE A 255 12.98 -16.71 -0.84
C PHE A 255 14.35 -17.12 -1.41
N ASP A 256 14.37 -18.22 -2.17
CA ASP A 256 15.59 -18.70 -2.83
C ASP A 256 16.19 -17.68 -3.81
N TYR A 257 15.31 -17.01 -4.55
CA TYR A 257 15.73 -16.01 -5.52
C TYR A 257 16.40 -14.80 -4.85
N PHE A 258 15.72 -14.24 -3.85
CA PHE A 258 16.23 -13.04 -3.18
C PHE A 258 17.55 -13.25 -2.44
N GLU A 259 17.64 -14.34 -1.70
CA GLU A 259 18.84 -14.66 -0.93
C GLU A 259 20.09 -14.64 -1.81
N GLU A 260 19.96 -15.20 -3.02
CA GLU A 260 21.01 -15.19 -4.02
C GLU A 260 21.19 -13.79 -4.61
N TYR A 261 20.09 -13.18 -5.05
CA TYR A 261 20.15 -11.84 -5.65
C TYR A 261 20.80 -10.78 -4.78
N PHE A 262 20.49 -10.79 -3.49
CA PHE A 262 21.04 -9.79 -2.56
C PHE A 262 22.40 -10.22 -2.03
N ALA A 263 22.82 -11.43 -2.41
CA ALA A 263 24.07 -12.04 -1.96
C ALA A 263 24.20 -12.06 -0.44
N MET A 264 23.08 -12.29 0.24
CA MET A 264 23.06 -12.27 1.71
C MET A 264 22.07 -13.27 2.30
N ASN A 265 22.53 -13.99 3.31
CA ASN A 265 21.73 -14.95 4.06
C ASN A 265 20.60 -14.26 4.84
N TYR A 266 19.41 -14.85 4.75
CA TYR A 266 18.29 -14.53 5.61
C TYR A 266 18.74 -14.75 7.06
N SER A 267 18.46 -13.77 7.90
CA SER A 267 19.14 -13.69 9.20
C SER A 267 18.61 -14.60 10.30
N LEU A 268 17.47 -15.24 10.07
CA LEU A 268 16.82 -16.05 11.12
C LEU A 268 16.79 -17.54 10.74
N PRO A 269 16.60 -18.44 11.73
CA PRO A 269 16.59 -19.88 11.42
C PRO A 269 15.33 -20.38 10.73
N LYS A 270 14.24 -19.64 10.83
CA LYS A 270 12.99 -20.01 10.16
C LYS A 270 12.20 -18.78 9.70
N LEU A 271 11.24 -19.03 8.82
CA LEU A 271 10.32 -18.00 8.38
C LEU A 271 8.90 -18.58 8.35
N ASP A 272 7.99 -17.88 9.03
CA ASP A 272 6.58 -18.26 9.11
C ASP A 272 5.70 -17.20 8.45
N LYS A 273 4.63 -17.66 7.80
CA LYS A 273 3.57 -16.75 7.33
C LYS A 273 2.24 -17.19 7.92
N ILE A 274 1.39 -16.22 8.23
CA ILE A 274 0.07 -16.51 8.81
C ILE A 274 -0.93 -15.41 8.48
N ALA A 275 -2.12 -15.80 8.05
CA ALA A 275 -3.19 -14.83 7.81
C ALA A 275 -4.08 -14.78 9.04
N ILE A 276 -4.19 -13.59 9.64
CA ILE A 276 -5.09 -13.37 10.77
C ILE A 276 -6.49 -13.14 10.19
N PRO A 277 -7.53 -13.80 10.75
CA PRO A 277 -8.88 -13.73 10.17
C PRO A 277 -9.47 -12.32 10.08
N ASP A 278 -9.00 -11.41 10.93
CA ASP A 278 -9.35 -10.00 10.86
C ASP A 278 -8.04 -9.26 11.02
N PHE A 279 -7.59 -8.57 9.95
CA PHE A 279 -6.26 -7.95 9.93
C PHE A 279 -6.32 -6.57 9.25
N GLY A 280 -5.78 -5.56 9.93
CA GLY A 280 -5.98 -4.16 9.56
C GLY A 280 -5.23 -3.57 8.36
N THR A 281 -4.16 -4.22 7.92
CA THR A 281 -3.49 -3.85 6.66
C THR A 281 -3.40 -5.03 5.70
N GLY A 282 -2.64 -4.89 4.62
CA GLY A 282 -2.55 -5.95 3.63
C GLY A 282 -1.75 -7.12 4.16
N ALA A 283 -0.60 -6.78 4.73
CA ALA A 283 0.35 -7.73 5.27
C ALA A 283 1.41 -6.95 6.03
N MET A 284 2.15 -7.64 6.91
CA MET A 284 3.16 -7.01 7.74
C MET A 284 4.42 -7.89 7.85
N GLU A 285 5.58 -7.30 7.56
CA GLU A 285 6.83 -8.04 7.39
C GLU A 285 7.54 -8.45 8.68
N ASN A 286 6.80 -8.63 9.77
CA ASN A 286 7.42 -9.05 11.02
C ASN A 286 8.45 -10.14 10.75
N TRP A 287 9.69 -9.88 11.13
CA TRP A 287 10.83 -10.75 10.84
C TRP A 287 10.55 -12.17 11.31
N GLY A 288 10.53 -13.12 10.36
CA GLY A 288 10.29 -14.53 10.68
C GLY A 288 8.85 -14.93 10.93
N LEU A 289 7.95 -13.95 10.97
CA LEU A 289 6.53 -14.19 11.22
C LEU A 289 5.68 -13.14 10.50
N ILE A 290 5.53 -13.33 9.20
CA ILE A 290 4.83 -12.36 8.37
C ILE A 290 3.33 -12.61 8.47
N THR A 291 2.59 -11.57 8.84
CA THR A 291 1.15 -11.65 9.00
C THR A 291 0.44 -11.13 7.75
N TYR A 292 -0.71 -11.72 7.43
CA TYR A 292 -1.45 -11.40 6.21
C TYR A 292 -2.94 -11.20 6.46
N ARG A 293 -3.54 -10.42 5.57
CA ARG A 293 -4.97 -10.48 5.35
C ARG A 293 -5.19 -11.69 4.44
N GLU A 294 -6.19 -12.50 4.72
CA GLU A 294 -6.42 -13.71 3.94
C GLU A 294 -6.44 -13.51 2.41
N THR A 295 -7.04 -12.41 1.93
CA THR A 295 -7.06 -12.13 0.48
C THR A 295 -5.68 -12.03 -0.19
N ASN A 296 -4.64 -11.73 0.59
CA ASN A 296 -3.27 -11.59 0.06
C ASN A 296 -2.38 -12.82 0.24
N LEU A 297 -2.93 -13.87 0.87
CA LEU A 297 -2.15 -15.07 1.14
C LEU A 297 -2.81 -16.33 0.59
N LEU A 298 -4.13 -16.40 0.69
CA LEU A 298 -4.86 -17.64 0.47
C LEU A 298 -5.59 -17.66 -0.87
N TYR A 299 -5.22 -18.64 -1.69
CA TYR A 299 -5.61 -18.68 -3.09
C TYR A 299 -6.08 -20.08 -3.47
N ASP A 300 -7.23 -20.15 -4.12
CA ASP A 300 -7.77 -21.42 -4.60
C ASP A 300 -7.81 -21.44 -6.13
N PRO A 301 -7.00 -22.30 -6.77
CA PRO A 301 -7.00 -22.30 -8.25
C PRO A 301 -8.39 -22.59 -8.85
N LYS A 302 -9.25 -23.22 -8.06
CA LYS A 302 -10.57 -23.63 -8.52
C LYS A 302 -11.62 -22.53 -8.35
N GLU A 303 -11.30 -21.51 -7.56
CA GLU A 303 -12.27 -20.46 -7.24
C GLU A 303 -11.70 -19.05 -7.36
N SER A 304 -10.38 -18.92 -7.23
CA SER A 304 -9.73 -17.61 -7.26
C SER A 304 -9.34 -17.20 -8.70
N ALA A 305 -9.27 -15.89 -8.93
CA ALA A 305 -8.96 -15.36 -10.26
C ALA A 305 -7.44 -15.19 -10.48
N SER A 306 -7.04 -15.01 -11.73
CA SER A 306 -5.63 -14.74 -12.07
C SER A 306 -5.17 -13.47 -11.37
N SER A 307 -6.06 -12.49 -11.29
CA SER A 307 -5.85 -11.27 -10.54
C SER A 307 -5.48 -11.55 -9.07
N ASN A 308 -6.22 -12.46 -8.44
CA ASN A 308 -5.95 -12.94 -7.09
C ASN A 308 -4.58 -13.62 -6.97
N GLN A 309 -4.28 -14.48 -7.95
CA GLN A 309 -3.00 -15.20 -8.00
C GLN A 309 -1.84 -14.23 -7.99
N GLN A 310 -1.92 -13.21 -8.85
CA GLN A 310 -0.88 -12.21 -8.99
C GLN A 310 -0.73 -11.41 -7.71
N ARG A 311 -1.87 -11.05 -7.11
CA ARG A 311 -1.89 -10.32 -5.85
C ARG A 311 -1.17 -11.09 -4.75
N VAL A 312 -1.48 -12.38 -4.63
CA VAL A 312 -0.86 -13.26 -3.61
C VAL A 312 0.65 -13.31 -3.83
N ALA A 313 1.06 -13.65 -5.05
CA ALA A 313 2.47 -13.73 -5.39
C ALA A 313 3.24 -12.43 -5.13
N THR A 314 2.63 -11.30 -5.49
N THR A 314 2.65 -11.29 -5.50
CA THR A 314 3.24 -9.98 -5.35
CA THR A 314 3.31 -9.99 -5.32
C THR A 314 3.38 -9.54 -3.90
C THR A 314 3.41 -9.55 -3.86
N VAL A 315 2.36 -9.76 -3.07
CA VAL A 315 2.39 -9.40 -1.66
C VAL A 315 3.38 -10.30 -0.92
N VAL A 316 3.36 -11.59 -1.23
CA VAL A 316 4.35 -12.51 -0.67
C VAL A 316 5.77 -12.05 -1.04
N ALA A 317 5.99 -11.73 -2.31
CA ALA A 317 7.30 -11.26 -2.76
C ALA A 317 7.68 -9.99 -2.01
N HIS A 318 6.72 -9.07 -1.92
CA HIS A 318 6.87 -7.79 -1.21
C HIS A 318 7.37 -8.01 0.21
N GLU A 319 6.66 -8.87 0.94
CA GLU A 319 6.97 -9.17 2.33
C GLU A 319 8.34 -9.81 2.47
N LEU A 320 8.71 -10.62 1.48
CA LEU A 320 10.03 -11.25 1.47
C LEU A 320 11.15 -10.24 1.25
N VAL A 321 10.92 -9.22 0.43
CA VAL A 321 11.94 -8.17 0.20
C VAL A 321 12.31 -7.52 1.52
N HIS A 322 11.30 -7.29 2.35
CA HIS A 322 11.51 -6.62 3.63
C HIS A 322 12.44 -7.36 4.58
N GLN A 323 12.54 -8.69 4.43
CA GLN A 323 13.46 -9.48 5.26
C GLN A 323 14.89 -9.01 5.02
N TRP A 324 15.13 -8.36 3.89
CA TRP A 324 16.40 -7.67 3.64
C TRP A 324 16.24 -6.15 3.79
N PHE A 325 15.46 -5.54 2.90
CA PHE A 325 15.25 -4.10 2.96
C PHE A 325 14.10 -3.73 3.89
N GLY A 326 14.48 -3.31 5.09
CA GLY A 326 13.52 -3.01 6.15
C GLY A 326 13.89 -3.70 7.44
N ASN A 327 14.18 -4.99 7.35
CA ASN A 327 14.45 -5.79 8.54
C ASN A 327 15.94 -5.83 8.91
N ILE A 328 16.78 -6.28 7.97
CA ILE A 328 18.24 -6.27 8.16
C ILE A 328 18.75 -4.82 8.21
N VAL A 329 18.41 -4.05 7.17
CA VAL A 329 18.67 -2.61 7.15
C VAL A 329 17.34 -1.88 7.25
N THR A 330 17.23 -0.96 8.20
CA THR A 330 16.02 -0.21 8.44
C THR A 330 16.32 1.26 8.25
N MET A 331 15.33 2.03 7.80
CA MET A 331 15.50 3.48 7.76
C MET A 331 15.76 3.99 9.17
N ASP A 332 16.54 5.07 9.27
CA ASP A 332 16.85 5.69 10.56
C ASP A 332 15.63 6.37 11.17
N TRP A 333 14.84 7.03 10.33
CA TRP A 333 13.63 7.69 10.76
C TRP A 333 12.56 7.60 9.66
N TRP A 334 11.30 7.71 10.05
CA TRP A 334 10.16 7.52 9.13
C TRP A 334 10.19 8.40 7.89
N GLU A 335 10.95 9.50 7.95
CA GLU A 335 11.15 10.37 6.79
C GLU A 335 11.76 9.60 5.61
N ASP A 336 12.56 8.58 5.94
CA ASP A 336 13.18 7.72 4.93
C ASP A 336 12.42 6.41 4.70
N LEU A 337 11.13 6.40 5.01
CA LEU A 337 10.28 5.19 4.86
C LEU A 337 10.41 4.53 3.50
N TRP A 338 10.56 5.31 2.43
CA TRP A 338 10.73 4.77 1.08
C TRP A 338 11.90 3.78 0.96
N LEU A 339 12.90 3.89 1.84
CA LEU A 339 14.01 2.93 1.85
C LEU A 339 13.51 1.52 2.17
N ASN A 340 12.39 1.47 2.90
CA ASN A 340 11.70 0.21 3.16
C ASN A 340 10.71 -0.06 2.04
N GLU A 341 9.75 0.86 1.89
CA GLU A 341 8.56 0.62 1.06
C GLU A 341 8.79 0.64 -0.44
N GLY A 342 9.58 1.62 -0.90
CA GLY A 342 9.89 1.74 -2.32
C GLY A 342 10.70 0.56 -2.81
N PHE A 343 11.64 0.11 -1.98
CA PHE A 343 12.46 -1.04 -2.28
C PHE A 343 11.66 -2.34 -2.38
N ALA A 344 10.75 -2.55 -1.43
CA ALA A 344 9.83 -3.69 -1.49
C ALA A 344 8.91 -3.60 -2.71
N SER A 345 8.40 -2.40 -2.98
CA SER A 345 7.54 -2.18 -4.16
C SER A 345 8.29 -2.38 -5.49
N PHE A 346 9.62 -2.17 -5.48
CA PHE A 346 10.43 -2.43 -6.68
C PHE A 346 10.76 -3.90 -6.85
N PHE A 347 11.36 -4.49 -5.83
CA PHE A 347 11.87 -5.85 -5.90
C PHE A 347 10.78 -6.91 -5.93
N GLU A 348 9.59 -6.58 -5.44
CA GLU A 348 8.45 -7.49 -5.52
C GLU A 348 8.23 -7.97 -6.95
N PHE A 349 8.46 -7.07 -7.91
CA PHE A 349 8.31 -7.39 -9.33
C PHE A 349 9.39 -8.34 -9.85
N LEU A 350 10.61 -8.17 -9.36
CA LEU A 350 11.73 -9.03 -9.72
C LEU A 350 11.53 -10.44 -9.14
N GLY A 351 11.04 -10.50 -7.91
CA GLY A 351 10.73 -11.76 -7.25
C GLY A 351 9.68 -12.55 -8.01
N VAL A 352 8.52 -11.93 -8.24
CA VAL A 352 7.43 -12.63 -8.92
C VAL A 352 7.75 -13.00 -10.39
N ASN A 353 8.50 -12.12 -11.07
CA ASN A 353 8.98 -12.41 -12.43
C ASN A 353 9.85 -13.66 -12.51
N HIS A 354 10.57 -13.95 -11.42
CA HIS A 354 11.35 -15.18 -11.32
C HIS A 354 10.43 -16.40 -11.14
N ALA A 355 9.41 -16.26 -10.29
CA ALA A 355 8.51 -17.37 -10.01
C ALA A 355 7.59 -17.66 -11.20
N GLU A 356 7.11 -16.59 -11.84
CA GLU A 356 6.12 -16.68 -12.90
C GLU A 356 6.63 -15.96 -14.16
N THR A 357 7.15 -16.76 -15.10
CA THR A 357 7.92 -16.27 -16.25
C THR A 357 7.12 -15.49 -17.30
N ASP A 358 5.92 -15.97 -17.62
CA ASP A 358 5.12 -15.33 -18.68
C ASP A 358 4.07 -14.33 -18.15
N TRP A 359 4.40 -13.67 -17.05
CA TRP A 359 3.48 -12.70 -16.46
C TRP A 359 3.77 -11.26 -16.90
N GLN A 360 4.90 -11.07 -17.58
CA GLN A 360 5.34 -9.75 -18.05
C GLN A 360 5.38 -8.74 -16.91
N MET A 361 5.83 -9.20 -15.74
CA MET A 361 5.77 -8.41 -14.50
C MET A 361 6.49 -7.08 -14.61
N ARG A 362 7.66 -7.08 -15.25
CA ARG A 362 8.44 -5.87 -15.44
C ARG A 362 7.63 -4.77 -16.11
N ASP A 363 6.95 -5.13 -17.20
CA ASP A 363 6.05 -4.21 -17.88
C ASP A 363 4.86 -3.81 -17.00
N GLN A 364 4.36 -4.75 -16.21
CA GLN A 364 3.21 -4.47 -15.34
C GLN A 364 3.50 -3.43 -14.25
N MET A 365 4.79 -3.16 -14.00
CA MET A 365 5.21 -2.07 -13.10
C MET A 365 4.58 -0.74 -13.51
N LEU A 366 4.50 -0.52 -14.82
CA LEU A 366 3.90 0.68 -15.39
C LEU A 366 2.44 0.81 -14.99
N LEU A 367 1.72 -0.30 -15.02
CA LEU A 367 0.30 -0.33 -14.68
C LEU A 367 0.07 -0.24 -13.17
N GLU A 368 0.94 -0.87 -12.39
CA GLU A 368 0.75 -0.99 -10.95
C GLU A 368 1.22 0.23 -10.16
N ASP A 369 2.38 0.77 -10.52
CA ASP A 369 3.01 1.83 -9.75
C ASP A 369 3.29 3.11 -10.52
N VAL A 370 3.98 2.99 -11.66
CA VAL A 370 4.51 4.16 -12.37
C VAL A 370 3.44 5.15 -12.80
N LEU A 371 2.53 4.70 -13.67
CA LEU A 371 1.51 5.59 -14.23
C LEU A 371 0.46 6.05 -13.19
N PRO A 372 -0.01 5.15 -12.28
CA PRO A 372 -0.91 5.65 -11.24
C PRO A 372 -0.30 6.74 -10.36
N VAL A 373 0.93 6.56 -9.88
CA VAL A 373 1.55 7.59 -9.04
C VAL A 373 1.95 8.89 -9.78
N GLN A 374 2.07 8.84 -11.11
CA GLN A 374 2.30 10.08 -11.86
C GLN A 374 1.08 10.98 -11.84
N GLU A 375 -0.08 10.37 -11.66
CA GLU A 375 -1.31 11.11 -11.38
C GLU A 375 -1.21 11.78 -9.99
N ASP A 376 -0.99 10.97 -8.95
CA ASP A 376 -0.83 11.47 -7.57
C ASP A 376 0.16 12.64 -7.48
N ASP A 377 1.33 12.44 -8.08
CA ASP A 377 2.46 13.36 -7.91
C ASP A 377 2.39 14.57 -8.84
N SER A 378 1.25 14.76 -9.50
CA SER A 378 1.03 15.97 -10.30
C SER A 378 0.08 16.92 -9.56
N LEU A 379 -0.19 16.62 -8.29
CA LEU A 379 -0.99 17.52 -7.45
C LEU A 379 -0.07 18.38 -6.61
N MET A 380 -0.52 19.59 -6.31
CA MET A 380 0.16 20.50 -5.40
C MET A 380 0.23 19.91 -3.98
N SER A 381 -0.75 19.09 -3.64
CA SER A 381 -0.82 18.51 -2.31
C SER A 381 -0.14 17.14 -2.23
N SER A 382 0.80 16.88 -3.15
CA SER A 382 1.70 15.73 -3.03
C SER A 382 2.75 16.09 -1.99
N HIS A 383 3.79 15.26 -1.87
CA HIS A 383 4.90 15.57 -0.97
C HIS A 383 6.18 14.90 -1.47
N PRO A 384 7.35 15.44 -1.07
CA PRO A 384 8.60 14.81 -1.51
C PRO A 384 8.75 13.42 -0.94
N ILE A 385 9.52 12.59 -1.62
CA ILE A 385 9.81 11.24 -1.16
C ILE A 385 10.38 11.24 0.27
N ILE A 386 11.35 12.12 0.55
CA ILE A 386 11.82 12.33 1.93
C ILE A 386 10.92 13.36 2.62
N VAL A 387 10.15 12.90 3.61
CA VAL A 387 9.02 13.64 4.20
C VAL A 387 9.22 13.95 5.67
N THR A 388 9.13 15.23 6.03
CA THR A 388 9.13 15.64 7.43
C THR A 388 7.85 15.17 8.15
N VAL A 389 8.02 14.38 9.20
CA VAL A 389 6.89 13.88 9.98
C VAL A 389 7.13 14.12 11.47
N THR A 390 6.15 14.72 12.15
CA THR A 390 6.32 15.18 13.54
C THR A 390 5.28 14.67 14.54
N THR A 391 4.33 13.84 14.07
CA THR A 391 3.33 13.22 14.94
C THR A 391 3.10 11.77 14.50
N PRO A 392 2.55 10.91 15.40
CA PRO A 392 2.19 9.57 14.93
C PRO A 392 1.25 9.57 13.72
N ASP A 393 0.31 10.53 13.66
CA ASP A 393 -0.64 10.65 12.53
C ASP A 393 0.09 10.98 11.24
N GLU A 394 1.08 11.87 11.31
CA GLU A 394 1.88 12.21 10.14
C GLU A 394 2.71 11.02 9.66
N ILE A 395 3.27 10.28 10.62
CA ILE A 395 4.07 9.11 10.32
C ILE A 395 3.24 8.10 9.52
N THR A 396 2.07 7.74 10.04
CA THR A 396 1.27 6.72 9.38
C THR A 396 0.73 7.17 8.03
N SER A 397 0.58 8.49 7.86
CA SER A 397 0.02 9.06 6.62
C SER A 397 0.91 8.80 5.40
N VAL A 398 2.22 8.71 5.62
CA VAL A 398 3.19 8.60 4.52
C VAL A 398 3.40 7.17 4.00
N PHE A 399 2.65 6.22 4.56
CA PHE A 399 2.52 4.90 3.95
C PHE A 399 1.53 5.07 2.79
N ASP A 400 2.02 5.62 1.68
CA ASP A 400 1.15 6.08 0.60
C ASP A 400 1.77 5.86 -0.79
N GLY A 401 1.10 6.38 -1.83
CA GLY A 401 1.55 6.21 -3.19
C GLY A 401 2.97 6.71 -3.39
N ILE A 402 3.34 7.77 -2.68
CA ILE A 402 4.67 8.37 -2.85
C ILE A 402 5.77 7.45 -2.34
N SER A 403 5.63 6.98 -1.10
CA SER A 403 6.59 6.04 -0.53
C SER A 403 6.69 4.75 -1.31
N TYR A 404 5.54 4.18 -1.69
CA TYR A 404 5.50 2.90 -2.40
C TYR A 404 5.76 3.07 -3.92
N SER A 405 4.85 3.75 -4.60
CA SER A 405 4.87 3.74 -6.06
C SER A 405 5.94 4.63 -6.68
N LYS A 406 6.05 5.88 -6.21
CA LYS A 406 7.10 6.77 -6.70
C LYS A 406 8.47 6.27 -6.26
N GLY A 407 8.54 5.74 -5.04
CA GLY A 407 9.74 5.05 -4.56
C GLY A 407 10.17 3.99 -5.56
N SER A 408 9.24 3.08 -5.86
CA SER A 408 9.44 2.03 -6.87
C SER A 408 9.83 2.61 -8.24
N SER A 409 9.20 3.70 -8.62
CA SER A 409 9.38 4.25 -9.96
C SER A 409 10.75 4.88 -10.14
N ILE A 410 11.20 5.63 -9.15
CA ILE A 410 12.53 6.26 -9.26
C ILE A 410 13.68 5.25 -9.11
N LEU A 411 13.40 4.08 -8.53
CA LEU A 411 14.40 3.00 -8.49
C LEU A 411 14.49 2.29 -9.83
N ARG A 412 13.32 2.13 -10.45
CA ARG A 412 13.20 1.57 -11.79
C ARG A 412 13.99 2.43 -12.79
N MET A 413 13.82 3.75 -12.69
CA MET A 413 14.57 4.70 -13.51
C MET A 413 16.06 4.65 -13.19
N LEU A 414 16.38 4.56 -11.90
CA LEU A 414 17.76 4.52 -11.44
C LEU A 414 18.48 3.28 -11.95
N GLU A 415 17.83 2.12 -11.85
CA GLU A 415 18.39 0.85 -12.33
C GLU A 415 18.75 0.93 -13.82
N ASP A 416 17.79 1.34 -14.64
CA ASP A 416 17.97 1.43 -16.08
C ASP A 416 19.12 2.37 -16.46
N TRP A 417 19.19 3.51 -15.79
CA TRP A 417 20.22 4.51 -16.04
C TRP A 417 21.59 4.01 -15.61
N ILE A 418 21.65 3.43 -14.42
CA ILE A 418 22.90 3.03 -13.78
C ILE A 418 23.32 1.62 -14.20
N LYS A 419 22.41 0.93 -14.89
CA LYS A 419 22.56 -0.46 -15.35
C LYS A 419 22.26 -1.47 -14.23
N PRO A 420 21.49 -2.54 -14.57
CA PRO A 420 21.05 -3.53 -13.56
C PRO A 420 22.17 -4.14 -12.74
N GLU A 421 23.23 -4.56 -13.42
CA GLU A 421 24.39 -5.18 -12.77
C GLU A 421 24.97 -4.31 -11.66
N ASN A 422 25.15 -3.02 -11.94
CA ASN A 422 25.71 -2.09 -10.98
C ASN A 422 24.71 -1.76 -9.86
N PHE A 423 23.44 -1.67 -10.23
CA PHE A 423 22.38 -1.48 -9.25
C PHE A 423 22.36 -2.64 -8.25
N GLN A 424 22.44 -3.86 -8.78
CA GLN A 424 22.45 -5.09 -7.99
C GLN A 424 23.63 -5.12 -7.03
N LYS A 425 24.83 -4.88 -7.58
CA LYS A 425 26.05 -4.82 -6.78
C LYS A 425 25.98 -3.74 -5.71
N GLY A 426 25.52 -2.55 -6.08
CA GLY A 426 25.36 -1.45 -5.13
C GLY A 426 24.39 -1.74 -4.00
N CYS A 427 23.31 -2.44 -4.31
CA CYS A 427 22.33 -2.85 -3.29
C CYS A 427 22.96 -3.79 -2.27
N GLN A 428 23.77 -4.73 -2.76
CA GLN A 428 24.44 -5.71 -1.93
C GLN A 428 25.39 -5.06 -0.92
N MET A 429 26.15 -4.07 -1.41
CA MET A 429 27.13 -3.36 -0.58
C MET A 429 26.45 -2.54 0.52
N TYR A 430 25.34 -1.90 0.17
CA TYR A 430 24.47 -1.21 1.13
C TYR A 430 24.01 -2.17 2.23
N LEU A 431 23.63 -3.38 1.81
CA LEU A 431 23.12 -4.41 2.70
C LEU A 431 24.22 -5.01 3.58
N GLU A 432 25.44 -5.07 3.03
CA GLU A 432 26.62 -5.48 3.78
C GLU A 432 26.99 -4.45 4.84
N LYS A 433 26.95 -3.18 4.44
CA LYS A 433 27.45 -2.07 5.25
C LYS A 433 26.57 -1.80 6.47
N TYR A 434 25.26 -1.73 6.26
CA TYR A 434 24.34 -1.30 7.31
C TYR A 434 23.54 -2.45 7.96
N GLN A 435 24.00 -3.68 7.74
CA GLN A 435 23.35 -4.86 8.32
C GLN A 435 23.15 -4.70 9.83
N PHE A 436 21.93 -4.96 10.29
CA PHE A 436 21.54 -4.83 11.70
C PHE A 436 21.67 -3.41 12.24
N LYS A 437 21.62 -2.44 11.32
CA LYS A 437 21.69 -1.04 11.69
C LYS A 437 20.69 -0.24 10.87
N ASN A 438 20.77 1.08 10.98
CA ASN A 438 19.89 1.98 10.26
C ASN A 438 20.62 2.84 9.26
N ALA A 439 19.93 3.20 8.18
CA ALA A 439 20.53 4.00 7.13
C ALA A 439 19.63 5.19 6.82
N LYS A 440 20.24 6.23 6.23
CA LYS A 440 19.52 7.38 5.67
C LYS A 440 19.58 7.26 4.16
N THR A 441 18.77 8.06 3.47
CA THR A 441 18.80 8.07 2.01
C THR A 441 20.21 8.39 1.46
N SER A 442 20.86 9.39 2.04
CA SER A 442 22.26 9.71 1.72
C SER A 442 23.18 8.49 1.72
N ASP A 443 22.94 7.57 2.65
CA ASP A 443 23.75 6.37 2.76
C ASP A 443 23.58 5.45 1.55
N PHE A 444 22.37 5.43 0.98
CA PHE A 444 22.10 4.56 -0.16
C PHE A 444 22.72 5.09 -1.46
N TRP A 445 22.68 6.41 -1.66
CA TRP A 445 23.28 7.02 -2.84
C TRP A 445 24.75 6.70 -2.89
N ALA A 446 25.46 6.95 -1.78
CA ALA A 446 26.89 6.71 -1.66
C ALA A 446 27.25 5.26 -2.00
N ALA A 447 26.40 4.33 -1.58
CA ALA A 447 26.59 2.91 -1.85
C ALA A 447 26.58 2.64 -3.36
N LEU A 448 25.58 3.16 -4.07
CA LEU A 448 25.49 3.00 -5.52
C LEU A 448 26.54 3.84 -6.26
N GLU A 449 26.95 4.93 -5.63
CA GLU A 449 27.97 5.82 -6.19
C GLU A 449 29.33 5.10 -6.20
N GLU A 450 29.56 4.26 -5.21
CA GLU A 450 30.74 3.39 -5.19
C GLU A 450 30.68 2.32 -6.28
N ALA A 451 29.47 1.92 -6.65
CA ALA A 451 29.29 0.87 -7.65
C ALA A 451 29.21 1.39 -9.09
N SER A 452 29.11 2.71 -9.25
CA SER A 452 28.97 3.31 -10.58
C SER A 452 29.93 4.46 -10.86
N ARG A 453 30.32 5.18 -9.81
CA ARG A 453 31.02 6.47 -9.91
C ARG A 453 30.28 7.48 -10.77
N LEU A 454 29.06 7.13 -11.18
CA LEU A 454 28.10 8.06 -11.76
C LEU A 454 27.60 8.95 -10.63
N PRO A 455 27.21 10.20 -10.93
CA PRO A 455 26.76 11.11 -9.87
C PRO A 455 25.36 10.78 -9.30
N VAL A 456 25.27 9.69 -8.55
CA VAL A 456 24.01 9.20 -8.00
C VAL A 456 23.36 10.23 -7.07
N LYS A 457 24.13 10.72 -6.10
CA LYS A 457 23.60 11.67 -5.13
C LYS A 457 23.07 12.91 -5.82
N GLU A 458 23.88 13.50 -6.70
CA GLU A 458 23.53 14.74 -7.39
C GLU A 458 22.26 14.62 -8.25
N VAL A 459 22.11 13.48 -8.92
CA VAL A 459 20.98 13.25 -9.81
C VAL A 459 19.72 12.83 -9.05
N MET A 460 19.88 11.90 -8.11
CA MET A 460 18.74 11.33 -7.43
C MET A 460 18.15 12.24 -6.34
N ASP A 461 18.96 13.13 -5.78
CA ASP A 461 18.46 14.13 -4.83
C ASP A 461 17.31 14.96 -5.40
N THR A 462 17.36 15.23 -6.70
CA THR A 462 16.36 16.05 -7.37
C THR A 462 15.01 15.36 -7.47
N TRP A 463 15.03 14.02 -7.44
CA TRP A 463 13.82 13.19 -7.50
C TRP A 463 13.28 12.87 -6.12
N THR A 464 14.01 13.32 -5.10
CA THR A 464 13.86 12.77 -3.77
C THR A 464 13.56 13.85 -2.71
N ARG A 465 14.11 15.05 -2.91
CA ARG A 465 14.00 16.12 -1.92
C ARG A 465 12.97 17.19 -2.30
N GLN A 466 12.30 16.99 -3.43
CA GLN A 466 11.17 17.84 -3.83
C GLN A 466 10.07 16.95 -4.40
N MET A 467 8.82 17.35 -4.20
CA MET A 467 7.69 16.65 -4.82
C MET A 467 7.66 16.90 -6.32
N GLY A 468 6.82 16.15 -7.03
CA GLY A 468 6.52 16.44 -8.43
C GLY A 468 7.49 15.86 -9.43
N TYR A 469 7.24 16.16 -10.70
CA TYR A 469 8.06 15.64 -11.79
C TYR A 469 7.94 16.53 -13.02
N PRO A 470 8.88 16.41 -13.97
CA PRO A 470 8.83 17.29 -15.13
C PRO A 470 8.05 16.72 -16.31
N VAL A 471 7.61 17.62 -17.19
CA VAL A 471 7.22 17.27 -18.55
C VAL A 471 8.33 17.77 -19.46
N LEU A 472 8.76 16.93 -20.39
CA LEU A 472 9.73 17.31 -21.41
C LEU A 472 9.00 17.89 -22.61
N ASN A 473 9.23 19.17 -22.87
CA ASN A 473 8.63 19.83 -24.01
C ASN A 473 9.56 19.75 -25.21
N VAL A 474 9.05 19.20 -26.31
CA VAL A 474 9.83 18.98 -27.54
C VAL A 474 9.66 20.17 -28.49
N ASN A 475 10.78 20.74 -28.90
CA ASN A 475 10.80 21.77 -29.95
C ASN A 475 11.76 21.30 -31.04
N GLY A 476 11.31 21.35 -32.30
CA GLY A 476 12.00 20.65 -33.39
C GLY A 476 11.73 19.18 -33.15
N VAL A 477 12.62 18.31 -33.57
CA VAL A 477 12.41 16.91 -33.25
C VAL A 477 13.22 16.51 -32.00
N LYS A 478 14.21 17.31 -31.64
CA LYS A 478 15.20 16.90 -30.63
C LYS A 478 15.70 17.94 -29.64
N ASN A 479 15.16 19.15 -29.69
CA ASN A 479 15.39 20.07 -28.58
C ASN A 479 14.35 19.79 -27.52
N ILE A 480 14.82 19.53 -26.30
CA ILE A 480 13.91 19.35 -25.17
C ILE A 480 14.20 20.38 -24.09
N THR A 481 13.13 20.86 -23.46
CA THR A 481 13.23 21.66 -22.26
C THR A 481 12.39 20.99 -21.19
N GLN A 482 12.69 21.26 -19.92
CA GLN A 482 11.93 20.70 -18.81
C GLN A 482 11.08 21.75 -18.11
N LYS A 483 9.90 21.32 -17.67
CA LYS A 483 9.01 22.18 -16.89
C LYS A 483 8.24 21.29 -15.92
N ARG A 484 8.02 21.77 -14.71
CA ARG A 484 7.26 21.03 -13.72
C ARG A 484 5.88 20.71 -14.30
N PHE A 485 5.42 19.48 -14.09
CA PHE A 485 4.10 19.08 -14.57
C PHE A 485 3.09 19.10 -13.44
N LEU A 486 2.08 19.96 -13.58
CA LEU A 486 0.98 20.06 -12.62
C LEU A 486 -0.35 19.97 -13.34
N LEU A 487 -1.26 19.19 -12.77
CA LEU A 487 -2.57 18.97 -13.37
C LEU A 487 -3.39 20.27 -13.38
N ASP A 488 -3.20 21.10 -12.35
CA ASP A 488 -3.86 22.39 -12.24
C ASP A 488 -3.02 23.50 -12.89
N PRO A 489 -3.47 24.04 -14.03
CA PRO A 489 -2.71 25.10 -14.71
C PRO A 489 -2.68 26.42 -13.93
N ARG A 490 -3.62 26.59 -13.00
CA ARG A 490 -3.66 27.83 -12.19
C ARG A 490 -2.66 27.78 -11.03
N ALA A 491 -2.25 26.58 -10.64
CA ALA A 491 -1.34 26.41 -9.49
C ALA A 491 0.00 27.09 -9.71
N ASN A 492 0.55 27.64 -8.63
CA ASN A 492 1.86 28.28 -8.65
C ASN A 492 2.95 27.21 -8.71
N PRO A 493 3.69 27.14 -9.82
CA PRO A 493 4.64 26.04 -10.06
C PRO A 493 5.86 26.05 -9.13
N SER A 494 6.09 27.16 -8.45
CA SER A 494 7.23 27.27 -7.52
C SER A 494 6.90 26.89 -6.07
N GLN A 495 5.64 26.53 -5.80
CA GLN A 495 5.19 26.21 -4.43
C GLN A 495 4.94 24.70 -4.22
N PRO A 496 5.13 24.20 -2.99
CA PRO A 496 5.75 24.88 -1.85
C PRO A 496 7.25 25.06 -2.09
N PRO A 497 7.87 26.06 -1.44
CA PRO A 497 9.28 26.37 -1.70
C PRO A 497 10.20 25.14 -1.73
N SER A 498 10.99 25.03 -2.79
CA SER A 498 11.99 23.97 -2.93
C SER A 498 13.36 24.57 -3.22
N ASP A 499 14.37 24.11 -2.48
CA ASP A 499 15.76 24.53 -2.69
C ASP A 499 16.24 24.28 -4.11
N LEU A 500 15.73 23.19 -4.70
CA LEU A 500 16.09 22.79 -6.05
C LEU A 500 15.24 23.48 -7.12
N GLY A 501 14.21 24.21 -6.68
CA GLY A 501 13.41 25.05 -7.57
C GLY A 501 12.64 24.32 -8.65
N TYR A 502 12.27 23.06 -8.38
CA TYR A 502 11.52 22.23 -9.33
C TYR A 502 12.16 22.11 -10.73
N THR A 503 13.47 21.87 -10.72
CA THR A 503 14.19 21.39 -11.90
C THR A 503 14.90 20.10 -11.52
N TRP A 504 15.06 19.21 -12.51
CA TRP A 504 15.57 17.87 -12.25
C TRP A 504 16.78 17.52 -13.09
N ASN A 505 17.63 16.67 -12.54
CA ASN A 505 18.61 15.97 -13.35
C ASN A 505 17.96 14.70 -13.90
N ILE A 506 17.60 14.75 -15.18
CA ILE A 506 16.79 13.71 -15.80
C ILE A 506 17.63 12.77 -16.65
N PRO A 507 17.77 11.51 -16.23
CA PRO A 507 18.37 10.55 -17.15
C PRO A 507 17.40 10.38 -18.30
N VAL A 508 17.80 10.84 -19.47
CA VAL A 508 16.93 10.76 -20.63
C VAL A 508 17.43 9.66 -21.55
N LYS A 509 16.49 8.80 -21.96
CA LYS A 509 16.76 7.77 -22.96
C LYS A 509 15.80 7.95 -24.11
N TRP A 510 16.27 7.64 -25.32
CA TRP A 510 15.44 7.73 -26.52
C TRP A 510 15.83 6.71 -27.59
N THR A 511 14.87 6.38 -28.45
CA THR A 511 15.08 5.44 -29.56
C THR A 511 15.05 6.17 -30.89
N GLU A 512 16.18 6.10 -31.59
CA GLU A 512 16.31 6.55 -32.97
C GLU A 512 16.36 5.30 -33.84
N ASP A 513 15.25 5.00 -34.50
CA ASP A 513 15.18 3.93 -35.50
C ASP A 513 15.70 2.57 -35.01
N ASN A 514 15.13 2.09 -33.90
CA ASN A 514 15.54 0.82 -33.27
C ASN A 514 16.90 0.84 -32.57
N ILE A 515 17.53 2.01 -32.47
CA ILE A 515 18.79 2.16 -31.72
C ILE A 515 18.61 3.16 -30.57
N THR A 516 19.13 2.80 -29.39
CA THR A 516 18.88 3.54 -28.15
C THR A 516 20.08 4.35 -27.67
N SER A 517 19.80 5.58 -27.23
CA SER A 517 20.83 6.47 -26.71
C SER A 517 20.47 6.99 -25.30
N SER A 518 21.46 7.55 -24.60
CA SER A 518 21.30 7.99 -23.22
C SER A 518 22.00 9.31 -22.96
N VAL A 519 21.31 10.22 -22.25
CA VAL A 519 21.89 11.51 -21.86
C VAL A 519 21.34 11.90 -20.49
N LEU A 520 22.21 12.42 -19.64
CA LEU A 520 21.78 13.06 -18.40
C LEU A 520 21.47 14.53 -18.67
N PHE A 521 20.19 14.89 -18.57
CA PHE A 521 19.75 16.27 -18.75
C PHE A 521 19.99 17.00 -17.43
N ASN A 522 20.93 17.95 -17.44
CA ASN A 522 21.38 18.66 -16.25
C ASN A 522 20.48 19.85 -15.86
N ARG A 523 20.20 19.99 -14.56
CA ARG A 523 19.46 21.13 -14.00
C ARG A 523 20.00 22.47 -14.51
N SER A 524 21.32 22.61 -14.48
CA SER A 524 21.99 23.87 -14.81
C SER A 524 21.87 24.29 -16.28
N GLU A 525 21.43 23.36 -17.14
CA GLU A 525 21.13 23.68 -18.54
C GLU A 525 19.76 24.33 -18.61
N LYS A 526 19.69 25.58 -18.16
CA LYS A 526 18.44 26.34 -18.00
C LYS A 526 17.65 26.48 -19.29
N GLU A 527 18.35 26.53 -20.42
CA GLU A 527 17.70 26.71 -21.70
C GLU A 527 17.54 25.40 -22.46
N GLY A 528 17.66 24.28 -21.74
CA GLY A 528 17.42 22.95 -22.30
C GLY A 528 18.62 22.36 -23.01
N ILE A 529 18.44 21.13 -23.51
CA ILE A 529 19.50 20.42 -24.24
C ILE A 529 19.01 19.91 -25.60
N THR A 530 19.94 19.46 -26.43
CA THR A 530 19.62 18.92 -27.75
C THR A 530 20.07 17.45 -27.83
N LEU A 531 19.16 16.58 -28.30
CA LEU A 531 19.41 15.14 -28.31
C LEU A 531 20.23 14.70 -29.53
N ASN A 532 21.40 14.12 -29.28
CA ASN A 532 22.32 13.71 -30.33
C ASN A 532 21.84 12.54 -31.19
N SER A 537 22.41 10.32 -39.34
CA SER A 537 21.25 10.00 -38.53
C SER A 537 19.95 10.60 -39.09
N GLY A 538 20.00 11.88 -39.48
CA GLY A 538 18.89 12.57 -40.17
C GLY A 538 17.48 12.08 -39.91
N ASN A 539 16.96 12.40 -38.74
CA ASN A 539 15.71 11.80 -38.27
C ASN A 539 14.43 12.54 -38.60
N ALA A 540 13.38 11.74 -38.82
CA ALA A 540 12.03 12.21 -39.02
C ALA A 540 11.13 11.82 -37.84
N PHE A 541 11.64 10.99 -36.93
CA PHE A 541 10.93 10.60 -35.69
C PHE A 541 11.82 10.11 -34.54
N LEU A 542 11.65 10.75 -33.39
CA LEU A 542 12.38 10.42 -32.16
C LEU A 542 11.45 9.90 -31.06
N LYS A 543 11.66 8.66 -30.64
CA LYS A 543 10.90 8.03 -29.55
C LYS A 543 11.54 8.27 -28.18
N ILE A 544 11.06 9.29 -27.46
CA ILE A 544 11.66 9.67 -26.18
C ILE A 544 11.00 8.94 -25.02
N ASN A 545 11.82 8.51 -24.07
CA ASN A 545 11.38 7.74 -22.89
C ASN A 545 10.77 6.38 -23.25
N PRO A 546 11.58 5.47 -23.83
CA PRO A 546 11.06 4.14 -24.18
C PRO A 546 10.56 3.39 -22.95
N ASP A 547 9.45 2.67 -23.11
CA ASP A 547 8.79 1.92 -22.03
C ASP A 547 8.44 2.75 -20.80
N HIS A 548 8.40 4.08 -20.98
CA HIS A 548 8.15 5.04 -19.91
C HIS A 548 9.08 4.78 -18.72
N ILE A 549 10.35 4.54 -19.03
CA ILE A 549 11.34 4.11 -18.03
C ILE A 549 11.72 5.25 -17.08
N GLY A 550 11.69 6.48 -17.59
CA GLY A 550 11.96 7.65 -16.78
C GLY A 550 10.69 8.22 -16.19
N PHE A 551 10.80 8.79 -14.98
CA PHE A 551 9.64 9.27 -14.24
C PHE A 551 9.28 10.70 -14.66
N TYR A 552 8.88 10.84 -15.92
CA TYR A 552 8.53 12.14 -16.49
C TYR A 552 7.57 11.95 -17.66
N ARG A 553 7.01 13.05 -18.16
CA ARG A 553 6.15 12.99 -19.33
C ARG A 553 6.81 13.69 -20.52
N VAL A 554 6.47 13.25 -21.73
CA VAL A 554 7.02 13.84 -22.95
C VAL A 554 5.89 14.49 -23.76
N ASN A 555 5.99 15.81 -23.94
CA ASN A 555 5.04 16.52 -24.77
C ASN A 555 5.68 16.87 -26.10
N TYR A 556 5.42 16.03 -27.10
CA TYR A 556 5.87 16.26 -28.47
C TYR A 556 5.15 17.47 -29.06
N GLU A 557 5.66 17.99 -30.16
CA GLU A 557 4.95 19.03 -30.91
C GLU A 557 3.65 18.43 -31.43
N VAL A 558 2.63 19.27 -31.57
CA VAL A 558 1.30 18.83 -32.00
C VAL A 558 1.36 18.04 -33.32
N ALA A 559 2.22 18.48 -34.25
CA ALA A 559 2.41 17.78 -35.54
C ALA A 559 2.87 16.34 -35.34
N THR A 560 3.85 16.15 -34.44
CA THR A 560 4.34 14.82 -34.06
C THR A 560 3.20 13.96 -33.48
N TRP A 561 2.44 14.53 -32.54
CA TRP A 561 1.30 13.82 -31.95
C TRP A 561 0.29 13.38 -33.01
N ASP A 562 0.00 14.30 -33.94
CA ASP A 562 -0.89 14.03 -35.07
C ASP A 562 -0.36 12.90 -35.95
N SER A 563 0.95 12.88 -36.19
CA SER A 563 1.60 11.81 -36.96
C SER A 563 1.54 10.46 -36.21
N ILE A 564 1.62 10.53 -34.88
CA ILE A 564 1.55 9.32 -34.05
C ILE A 564 0.18 8.66 -34.19
N ALA A 565 -0.89 9.44 -34.06
CA ALA A 565 -2.25 8.93 -34.25
C ALA A 565 -2.44 8.22 -35.59
N THR A 566 -1.90 8.82 -36.66
CA THR A 566 -1.92 8.24 -38.00
C THR A 566 -1.13 6.94 -38.09
N ALA A 567 0.06 6.93 -37.50
CA ALA A 567 0.90 5.73 -37.48
C ALA A 567 0.23 4.59 -36.70
N LEU A 568 -0.55 4.94 -35.67
CA LEU A 568 -1.30 3.94 -34.91
C LEU A 568 -2.42 3.36 -35.75
N SER A 569 -3.14 4.21 -36.48
CA SER A 569 -4.24 3.74 -37.33
C SER A 569 -3.74 2.84 -38.43
N LEU A 570 -2.60 3.21 -39.04
CA LEU A 570 -1.98 2.44 -40.12
C LEU A 570 -1.36 1.12 -39.67
N ASN A 571 -0.60 1.16 -38.58
CA ASN A 571 0.08 -0.03 -38.02
C ASN A 571 0.54 0.24 -36.59
N HIS A 572 -0.35 0.02 -35.64
CA HIS A 572 -0.06 0.35 -34.23
C HIS A 572 1.11 -0.45 -33.68
N LYS A 573 1.32 -1.60 -34.31
CA LYS A 573 2.40 -2.51 -34.01
C LYS A 573 3.79 -1.88 -34.15
N THR A 574 3.86 -0.76 -34.85
CA THR A 574 5.09 0.02 -35.01
C THR A 574 5.70 0.41 -33.67
N PHE A 575 4.83 0.57 -32.67
CA PHE A 575 5.24 0.88 -31.31
C PHE A 575 5.07 -0.35 -30.45
N SER A 576 5.87 -0.48 -29.40
CA SER A 576 5.72 -1.58 -28.44
C SER A 576 4.48 -1.30 -27.60
N SER A 577 3.95 -2.34 -26.97
CA SER A 577 2.75 -2.24 -26.12
C SER A 577 2.93 -1.23 -25.02
N ALA A 578 4.10 -1.27 -24.38
CA ALA A 578 4.45 -0.33 -23.33
C ALA A 578 4.52 1.11 -23.84
N ASP A 579 5.14 1.30 -25.01
CA ASP A 579 5.22 2.62 -25.66
C ASP A 579 3.84 3.18 -25.99
N ARG A 580 2.95 2.32 -26.51
CA ARG A 580 1.57 2.71 -26.80
C ARG A 580 0.84 3.17 -25.53
N ALA A 581 0.95 2.39 -24.46
CA ALA A 581 0.35 2.74 -23.17
C ALA A 581 0.88 4.09 -22.68
N SER A 582 2.18 4.30 -22.82
CA SER A 582 2.86 5.49 -22.36
C SER A 582 2.44 6.75 -23.11
N LEU A 583 2.40 6.65 -24.44
CA LEU A 583 1.98 7.75 -25.31
C LEU A 583 0.54 8.15 -25.02
N ILE A 584 -0.34 7.15 -24.89
CA ILE A 584 -1.74 7.37 -24.57
C ILE A 584 -1.87 8.01 -23.17
N ASP A 585 -1.12 7.47 -22.22
CA ASP A 585 -1.16 7.98 -20.85
C ASP A 585 -0.74 9.44 -20.77
N ASP A 586 0.42 9.76 -21.36
CA ASP A 586 0.93 11.12 -21.39
C ASP A 586 -0.02 12.10 -22.05
N ALA A 587 -0.52 11.73 -23.22
CA ALA A 587 -1.41 12.58 -24.02
C ALA A 587 -2.65 12.98 -23.23
N PHE A 588 -3.25 12.01 -22.53
CA PHE A 588 -4.46 12.29 -21.76
C PHE A 588 -4.18 13.07 -20.48
N ALA A 589 -3.03 12.81 -19.85
CA ALA A 589 -2.62 13.60 -18.70
C ALA A 589 -2.27 15.04 -19.11
N LEU A 590 -1.65 15.18 -20.28
CA LEU A 590 -1.33 16.48 -20.85
C LEU A 590 -2.60 17.26 -21.22
N ALA A 591 -3.58 16.57 -21.79
CA ALA A 591 -4.87 17.20 -22.10
C ALA A 591 -5.58 17.62 -20.81
N ARG A 592 -5.49 16.76 -19.79
CA ARG A 592 -6.10 17.05 -18.50
C ARG A 592 -5.48 18.31 -17.88
N ALA A 593 -4.18 18.48 -18.07
CA ALA A 593 -3.41 19.59 -17.52
C ALA A 593 -3.46 20.88 -18.38
N GLN A 594 -4.24 20.84 -19.46
CA GLN A 594 -4.33 21.96 -20.43
C GLN A 594 -2.99 22.28 -21.07
N LEU A 595 -2.22 21.23 -21.38
CA LEU A 595 -0.93 21.38 -22.03
C LEU A 595 -0.99 20.82 -23.46
N LEU A 596 -2.14 20.22 -23.81
CA LEU A 596 -2.35 19.61 -25.12
C LEU A 596 -3.84 19.56 -25.40
N ASP A 597 -4.23 19.94 -26.62
CA ASP A 597 -5.62 19.98 -26.99
C ASP A 597 -6.21 18.58 -26.94
N TYR A 598 -7.39 18.45 -26.35
CA TYR A 598 -8.08 17.17 -26.20
C TYR A 598 -8.32 16.43 -27.52
N LYS A 599 -8.57 17.17 -28.60
CA LYS A 599 -8.76 16.57 -29.93
C LYS A 599 -7.54 15.72 -30.31
N VAL A 600 -6.36 16.23 -29.97
CA VAL A 600 -5.09 15.53 -30.23
C VAL A 600 -4.98 14.24 -29.41
N ALA A 601 -5.36 14.30 -28.13
CA ALA A 601 -5.40 13.12 -27.27
C ALA A 601 -6.41 12.10 -27.78
N LEU A 602 -7.64 12.54 -28.04
CA LEU A 602 -8.70 11.65 -28.48
C LEU A 602 -8.38 10.98 -29.82
N ASN A 603 -7.67 11.71 -30.68
CA ASN A 603 -7.21 11.17 -31.96
C ASN A 603 -6.38 9.90 -31.80
N LEU A 604 -5.65 9.78 -30.69
CA LEU A 604 -4.86 8.57 -30.40
C LEU A 604 -5.70 7.32 -30.14
N THR A 605 -7.01 7.48 -29.89
CA THR A 605 -7.87 6.34 -29.55
C THR A 605 -8.54 5.70 -30.77
N LYS A 606 -8.38 6.35 -31.93
CA LYS A 606 -9.06 5.96 -33.16
C LYS A 606 -8.69 4.57 -33.65
N TYR A 607 -7.46 4.14 -33.40
CA TYR A 607 -6.97 2.85 -33.90
C TYR A 607 -7.49 1.66 -33.10
N LEU A 608 -8.07 1.93 -31.92
CA LEU A 608 -8.27 0.89 -30.89
C LEU A 608 -9.01 -0.39 -31.29
N LYS A 609 -9.83 -0.36 -32.33
CA LYS A 609 -10.53 -1.58 -32.78
C LYS A 609 -9.55 -2.70 -33.08
N ARG A 610 -8.30 -2.33 -33.34
CA ARG A 610 -7.23 -3.28 -33.65
C ARG A 610 -6.26 -3.49 -32.48
N GLU A 611 -6.47 -2.77 -31.38
CA GLU A 611 -5.65 -2.96 -30.18
C GLU A 611 -5.96 -4.29 -29.50
N GLU A 612 -4.93 -5.07 -29.21
CA GLU A 612 -5.07 -6.40 -28.62
C GLU A 612 -4.21 -6.63 -27.36
N ASN A 613 -3.46 -5.61 -26.95
CA ASN A 613 -2.52 -5.79 -25.84
C ASN A 613 -3.00 -5.20 -24.51
N PHE A 614 -2.57 -5.83 -23.43
CA PHE A 614 -3.01 -5.51 -22.07
C PHE A 614 -2.68 -4.09 -21.63
N LEU A 615 -1.40 -3.72 -21.72
CA LEU A 615 -0.93 -2.42 -21.24
C LEU A 615 -1.65 -1.22 -21.87
N PRO A 616 -1.72 -1.15 -23.22
CA PRO A 616 -2.48 -0.03 -23.78
C PRO A 616 -3.96 0.00 -23.36
N TRP A 617 -4.64 -1.14 -23.35
CA TRP A 617 -6.05 -1.16 -22.96
C TRP A 617 -6.27 -0.65 -21.55
N GLN A 618 -5.39 -1.06 -20.63
CA GLN A 618 -5.50 -0.62 -19.23
C GLN A 618 -5.42 0.89 -19.09
N ARG A 619 -4.44 1.51 -19.75
CA ARG A 619 -4.26 2.96 -19.65
C ARG A 619 -5.30 3.76 -20.44
N VAL A 620 -5.85 3.15 -21.50
CA VAL A 620 -7.01 3.71 -22.20
C VAL A 620 -8.22 3.71 -21.26
N ILE A 621 -8.50 2.55 -20.67
CA ILE A 621 -9.62 2.41 -19.72
C ILE A 621 -9.48 3.38 -18.56
N SER A 622 -8.27 3.56 -18.06
CA SER A 622 -8.04 4.53 -16.99
C SER A 622 -8.41 5.96 -17.41
N ALA A 623 -7.91 6.39 -18.58
CA ALA A 623 -8.17 7.75 -19.09
C ALA A 623 -9.65 7.97 -19.38
N VAL A 624 -10.31 6.96 -19.94
CA VAL A 624 -11.73 7.05 -20.31
C VAL A 624 -12.63 7.05 -19.07
N THR A 625 -12.27 6.26 -18.09
CA THR A 625 -13.00 6.19 -16.83
C THR A 625 -13.11 7.57 -16.21
N TYR A 626 -12.01 8.32 -16.16
CA TYR A 626 -12.07 9.69 -15.66
C TYR A 626 -13.05 10.56 -16.47
N ILE A 627 -12.86 10.60 -17.78
CA ILE A 627 -13.65 11.47 -18.66
C ILE A 627 -15.15 11.13 -18.61
N ILE A 628 -15.45 9.83 -18.67
CA ILE A 628 -16.83 9.32 -18.53
C ILE A 628 -17.45 9.72 -17.18
N SER A 629 -16.67 9.63 -16.11
N SER A 629 -16.66 9.62 -16.12
CA SER A 629 -17.17 9.97 -14.78
CA SER A 629 -17.10 9.97 -14.78
C SER A 629 -17.49 11.45 -14.68
C SER A 629 -17.48 11.45 -14.69
N MET A 630 -16.73 12.29 -15.37
CA MET A 630 -16.99 13.73 -15.38
C MET A 630 -18.27 14.12 -16.14
N PHE A 631 -18.72 13.27 -17.06
CA PHE A 631 -19.90 13.56 -17.87
C PHE A 631 -21.10 12.66 -17.55
N GLU A 632 -20.93 11.87 -16.51
CA GLU A 632 -21.95 10.94 -16.02
C GLU A 632 -23.38 11.51 -16.06
N ASP A 633 -23.55 12.75 -15.61
CA ASP A 633 -24.88 13.36 -15.59
C ASP A 633 -25.19 14.21 -16.82
N ASP A 634 -24.27 14.26 -17.78
CA ASP A 634 -24.46 15.03 -18.99
C ASP A 634 -25.16 14.21 -20.06
N LYS A 635 -26.48 14.39 -20.16
CA LYS A 635 -27.32 13.66 -21.10
C LYS A 635 -26.91 13.86 -22.56
N GLU A 636 -26.14 14.92 -22.81
CA GLU A 636 -25.70 15.24 -24.16
C GLU A 636 -24.43 14.49 -24.51
N LEU A 637 -23.40 14.64 -23.69
CA LEU A 637 -22.09 14.05 -23.95
C LEU A 637 -22.01 12.55 -23.70
N TYR A 638 -22.60 12.12 -22.58
CA TYR A 638 -22.43 10.75 -22.13
C TYR A 638 -22.74 9.67 -23.16
N PRO A 639 -23.95 9.69 -23.78
CA PRO A 639 -24.29 8.63 -24.74
C PRO A 639 -23.29 8.54 -25.89
N MET A 640 -22.75 9.69 -26.30
CA MET A 640 -21.77 9.78 -27.37
C MET A 640 -20.43 9.15 -26.98
N ILE A 641 -19.99 9.40 -25.74
CA ILE A 641 -18.74 8.85 -25.25
C ILE A 641 -18.90 7.33 -25.10
N GLU A 642 -20.06 6.93 -24.57
CA GLU A 642 -20.44 5.54 -24.41
C GLU A 642 -20.44 4.82 -25.76
N GLU A 643 -21.22 5.35 -26.71
CA GLU A 643 -21.36 4.75 -28.04
C GLU A 643 -20.00 4.53 -28.72
N TYR A 644 -19.17 5.57 -28.71
CA TYR A 644 -17.83 5.49 -29.28
C TYR A 644 -16.97 4.43 -28.60
N PHE A 645 -16.77 4.52 -27.29
CA PHE A 645 -15.86 3.58 -26.63
C PHE A 645 -16.39 2.15 -26.59
N GLN A 646 -17.71 2.00 -26.62
CA GLN A 646 -18.34 0.70 -26.78
C GLN A 646 -17.85 0.10 -28.11
N GLY A 647 -17.90 0.92 -29.16
CA GLY A 647 -17.45 0.52 -30.49
C GLY A 647 -15.99 0.14 -30.55
N GLN A 648 -15.15 0.84 -29.80
CA GLN A 648 -13.71 0.60 -29.82
C GLN A 648 -13.29 -0.70 -29.12
N VAL A 649 -13.90 -1.05 -27.98
CA VAL A 649 -13.60 -2.33 -27.29
C VAL A 649 -14.30 -3.55 -27.86
N LYS A 650 -15.41 -3.33 -28.56
CA LYS A 650 -16.23 -4.47 -28.99
C LYS A 650 -15.45 -5.59 -29.69
N PRO A 651 -14.56 -5.25 -30.66
CA PRO A 651 -13.82 -6.33 -31.32
C PRO A 651 -12.98 -7.21 -30.39
N ILE A 652 -12.23 -6.60 -29.47
CA ILE A 652 -11.38 -7.38 -28.55
C ILE A 652 -12.22 -8.11 -27.50
N ALA A 653 -13.28 -7.47 -27.02
CA ALA A 653 -14.20 -8.09 -26.07
C ALA A 653 -14.87 -9.31 -26.70
N ASP A 654 -15.43 -9.11 -27.89
CA ASP A 654 -16.03 -10.20 -28.66
C ASP A 654 -15.03 -11.32 -28.93
N SER A 655 -13.81 -10.95 -29.31
CA SER A 655 -12.74 -11.89 -29.70
C SER A 655 -12.26 -12.81 -28.56
N LEU A 656 -12.15 -12.26 -27.35
CA LEU A 656 -11.68 -13.02 -26.20
C LEU A 656 -12.80 -13.86 -25.59
N GLY A 657 -14.03 -13.36 -25.68
CA GLY A 657 -15.23 -14.11 -25.27
C GLY A 657 -15.43 -14.25 -23.76
N TRP A 658 -16.55 -14.85 -23.37
CA TRP A 658 -16.84 -15.07 -21.97
C TRP A 658 -16.42 -16.48 -21.54
N ASN A 659 -15.10 -16.70 -21.48
CA ASN A 659 -14.53 -18.00 -21.10
C ASN A 659 -13.05 -17.90 -20.73
N ASP A 660 -12.66 -18.64 -19.69
CA ASP A 660 -11.29 -18.60 -19.21
C ASP A 660 -10.30 -19.40 -20.05
N ALA A 661 -9.80 -18.79 -21.11
CA ALA A 661 -8.81 -19.44 -21.96
C ALA A 661 -7.64 -18.51 -22.24
N GLY A 662 -6.44 -19.08 -22.41
CA GLY A 662 -5.24 -18.27 -22.71
C GLY A 662 -4.30 -18.18 -21.52
N ASP A 663 -3.20 -17.45 -21.69
CA ASP A 663 -2.22 -17.30 -20.61
C ASP A 663 -2.63 -16.22 -19.61
N HIS A 664 -1.76 -15.97 -18.63
CA HIS A 664 -2.05 -15.06 -17.54
C HIS A 664 -2.51 -13.68 -18.04
N VAL A 665 -1.71 -13.07 -18.90
CA VAL A 665 -1.95 -11.70 -19.32
C VAL A 665 -3.23 -11.58 -20.16
N THR A 666 -3.47 -12.56 -21.01
CA THR A 666 -4.70 -12.64 -21.79
C THR A 666 -5.93 -12.68 -20.89
N LYS A 667 -5.83 -13.44 -19.80
CA LYS A 667 -6.95 -13.59 -18.88
C LYS A 667 -7.22 -12.29 -18.13
N LEU A 668 -6.16 -11.60 -17.74
CA LEU A 668 -6.26 -10.28 -17.14
C LEU A 668 -6.89 -9.30 -18.14
N LEU A 669 -6.45 -9.37 -19.40
CA LEU A 669 -7.00 -8.53 -20.47
C LEU A 669 -8.49 -8.77 -20.66
N ARG A 670 -8.90 -10.03 -20.79
CA ARG A 670 -10.31 -10.37 -20.92
C ARG A 670 -11.16 -9.75 -19.82
N SER A 671 -10.75 -9.93 -18.56
CA SER A 671 -11.46 -9.33 -17.43
C SER A 671 -11.67 -7.83 -17.62
N SER A 672 -10.59 -7.09 -17.85
CA SER A 672 -10.72 -5.64 -17.90
C SER A 672 -11.43 -5.17 -19.17
N VAL A 673 -11.28 -5.94 -20.24
CA VAL A 673 -11.92 -5.57 -21.51
C VAL A 673 -13.44 -5.82 -21.54
N LEU A 674 -13.86 -6.98 -21.03
CA LEU A 674 -15.27 -7.27 -20.81
C LEU A 674 -15.91 -6.36 -19.75
N GLY A 675 -15.14 -6.00 -18.72
CA GLY A 675 -15.61 -5.05 -17.70
C GLY A 675 -15.94 -3.70 -18.30
N PHE A 676 -15.04 -3.20 -19.15
CA PHE A 676 -15.21 -1.95 -19.86
C PHE A 676 -16.37 -2.00 -20.85
N ALA A 677 -16.51 -3.10 -21.58
CA ALA A 677 -17.68 -3.30 -22.46
C ALA A 677 -18.98 -3.17 -21.67
N CYS A 678 -19.05 -3.85 -20.53
CA CYS A 678 -20.20 -3.74 -19.62
C CYS A 678 -20.37 -2.29 -19.15
N LYS A 679 -19.29 -1.67 -18.74
CA LYS A 679 -19.35 -0.30 -18.22
C LYS A 679 -19.86 0.64 -19.31
N MET A 680 -19.47 0.38 -20.54
CA MET A 680 -19.87 1.21 -21.69
C MET A 680 -21.27 0.86 -22.23
N GLY A 681 -21.92 -0.13 -21.63
CA GLY A 681 -23.33 -0.41 -21.94
C GLY A 681 -23.59 -1.31 -23.11
N ASP A 682 -22.58 -2.05 -23.56
CA ASP A 682 -22.70 -3.13 -24.54
C ASP A 682 -23.78 -4.12 -24.11
N ARG A 683 -24.88 -4.18 -24.87
CA ARG A 683 -26.04 -5.00 -24.51
C ARG A 683 -25.71 -6.48 -24.42
N GLU A 684 -24.90 -6.96 -25.34
CA GLU A 684 -24.51 -8.36 -25.39
C GLU A 684 -23.59 -8.74 -24.23
N ALA A 685 -22.71 -7.83 -23.82
CA ALA A 685 -21.81 -8.09 -22.71
C ALA A 685 -22.59 -8.09 -21.40
N LEU A 686 -23.54 -7.15 -21.28
CA LEU A 686 -24.45 -7.12 -20.13
C LEU A 686 -25.33 -8.37 -20.09
N ASN A 687 -25.78 -8.83 -21.26
CA ASN A 687 -26.58 -10.03 -21.34
C ASN A 687 -25.85 -11.31 -20.94
N ASN A 688 -24.56 -11.38 -21.30
CA ASN A 688 -23.70 -12.46 -20.83
C ASN A 688 -23.60 -12.44 -19.29
N ALA A 689 -23.36 -11.25 -18.72
CA ALA A 689 -23.30 -11.10 -17.27
C ALA A 689 -24.58 -11.56 -16.61
N SER A 690 -25.72 -11.04 -17.05
CA SER A 690 -27.02 -11.42 -16.48
C SER A 690 -27.33 -12.91 -16.62
N SER A 691 -27.03 -13.49 -17.78
CA SER A 691 -27.23 -14.91 -18.03
C SER A 691 -26.42 -15.78 -17.05
N LEU A 692 -25.12 -15.50 -16.93
CA LEU A 692 -24.26 -16.24 -16.00
C LEU A 692 -24.72 -16.05 -14.54
N PHE A 693 -25.07 -14.81 -14.19
CA PHE A 693 -25.58 -14.50 -12.86
C PHE A 693 -26.83 -15.33 -12.53
N GLU A 694 -27.79 -15.35 -13.46
CA GLU A 694 -28.99 -16.18 -13.34
C GLU A 694 -28.64 -17.66 -13.10
N GLN A 695 -27.62 -18.16 -13.81
CA GLN A 695 -27.15 -19.52 -13.62
C GLN A 695 -26.48 -19.74 -12.26
N TRP A 696 -25.67 -18.78 -11.83
CA TRP A 696 -24.99 -18.87 -10.54
C TRP A 696 -25.99 -18.93 -9.39
N LEU A 697 -27.06 -18.15 -9.52
CA LEU A 697 -28.16 -18.16 -8.54
C LEU A 697 -28.83 -19.52 -8.43
N ASN A 698 -28.70 -20.36 -9.45
CA ASN A 698 -29.23 -21.73 -9.41
C ASN A 698 -28.46 -22.68 -8.48
N GLY A 699 -27.33 -22.22 -7.97
CA GLY A 699 -26.66 -22.86 -6.83
C GLY A 699 -25.64 -23.95 -7.10
N THR A 700 -25.54 -24.39 -8.36
CA THR A 700 -24.61 -25.46 -8.73
C THR A 700 -23.42 -24.91 -9.50
N VAL A 701 -23.71 -24.18 -10.57
CA VAL A 701 -22.72 -23.73 -11.53
C VAL A 701 -21.64 -22.87 -10.88
N SER A 702 -20.40 -23.32 -10.99
CA SER A 702 -19.25 -22.55 -10.52
C SER A 702 -18.74 -21.68 -11.66
N LEU A 703 -18.83 -20.36 -11.51
CA LEU A 703 -18.47 -19.43 -12.60
C LEU A 703 -16.99 -19.45 -12.96
N PRO A 704 -16.67 -19.25 -14.26
CA PRO A 704 -15.27 -19.05 -14.66
C PRO A 704 -14.61 -18.01 -13.75
N VAL A 705 -13.47 -18.37 -13.18
CA VAL A 705 -12.87 -17.60 -12.09
C VAL A 705 -12.57 -16.14 -12.46
N ASN A 706 -12.14 -15.91 -13.69
CA ASN A 706 -11.81 -14.56 -14.12
C ASN A 706 -13.01 -13.72 -14.60
N LEU A 707 -14.20 -14.33 -14.58
CA LEU A 707 -15.43 -13.63 -14.99
C LEU A 707 -16.35 -13.36 -13.81
N ARG A 708 -16.10 -14.04 -12.68
CA ARG A 708 -16.92 -13.97 -11.47
C ARG A 708 -17.25 -12.57 -11.02
N LEU A 709 -16.22 -11.78 -10.74
CA LEU A 709 -16.45 -10.42 -10.25
C LEU A 709 -17.37 -9.63 -11.19
N LEU A 710 -17.12 -9.74 -12.49
CA LEU A 710 -17.94 -9.04 -13.48
C LEU A 710 -19.38 -9.52 -13.47
N VAL A 711 -19.56 -10.82 -13.35
CA VAL A 711 -20.89 -11.41 -13.29
C VAL A 711 -21.63 -10.95 -12.02
N TYR A 712 -20.95 -10.95 -10.87
CA TYR A 712 -21.61 -10.52 -9.60
C TYR A 712 -22.01 -9.07 -9.69
N ARG A 713 -21.10 -8.24 -10.17
CA ARG A 713 -21.33 -6.79 -10.31
C ARG A 713 -22.44 -6.42 -11.28
N TYR A 714 -22.26 -6.81 -12.54
CA TYR A 714 -23.19 -6.41 -13.61
C TYR A 714 -24.43 -7.26 -13.60
N GLY A 715 -24.30 -8.51 -13.15
CA GLY A 715 -25.47 -9.35 -12.88
C GLY A 715 -26.38 -8.74 -11.83
N MET A 716 -25.81 -8.36 -10.69
CA MET A 716 -26.59 -7.73 -9.63
C MET A 716 -27.13 -6.38 -10.12
N GLN A 717 -26.30 -5.61 -10.78
CA GLN A 717 -26.72 -4.28 -11.23
C GLN A 717 -27.91 -4.36 -12.19
N ASN A 718 -27.88 -5.30 -13.13
CA ASN A 718 -28.91 -5.39 -14.15
C ASN A 718 -30.12 -6.24 -13.83
N SER A 719 -29.98 -7.23 -12.94
CA SER A 719 -31.11 -8.12 -12.65
C SER A 719 -31.27 -8.50 -11.18
N GLY A 720 -30.49 -7.87 -10.32
CA GLY A 720 -30.58 -8.12 -8.89
C GLY A 720 -31.86 -7.57 -8.30
N ASN A 721 -32.33 -8.25 -7.26
CA ASN A 721 -33.51 -7.83 -6.50
C ASN A 721 -33.31 -8.39 -5.08
N GLU A 722 -34.29 -8.20 -4.21
CA GLU A 722 -34.13 -8.60 -2.82
C GLU A 722 -33.83 -10.09 -2.68
N ILE A 723 -34.50 -10.91 -3.48
CA ILE A 723 -34.27 -12.35 -3.44
C ILE A 723 -32.81 -12.70 -3.75
N SER A 724 -32.28 -12.19 -4.85
CA SER A 724 -30.90 -12.52 -5.22
C SER A 724 -29.88 -11.80 -4.33
N TRP A 725 -30.26 -10.63 -3.80
CA TRP A 725 -29.43 -9.91 -2.84
C TRP A 725 -29.25 -10.72 -1.55
N ASN A 726 -30.37 -11.18 -0.98
CA ASN A 726 -30.35 -12.04 0.21
C ASN A 726 -29.57 -13.32 -0.03
N TYR A 727 -29.75 -13.91 -1.21
CA TYR A 727 -29.01 -15.12 -1.55
C TYR A 727 -27.52 -14.85 -1.56
N THR A 728 -27.12 -13.75 -2.20
CA THR A 728 -25.71 -13.37 -2.34
C THR A 728 -25.10 -13.10 -0.95
N LEU A 729 -25.86 -12.44 -0.07
CA LEU A 729 -25.44 -12.21 1.31
C LEU A 729 -25.20 -13.54 2.05
N GLU A 730 -26.11 -14.51 1.89
CA GLU A 730 -25.91 -15.85 2.47
C GLU A 730 -24.65 -16.53 1.95
N GLN A 731 -24.42 -16.44 0.65
CA GLN A 731 -23.24 -17.06 0.04
C GLN A 731 -21.96 -16.44 0.56
N TYR A 732 -21.97 -15.13 0.74
CA TYR A 732 -20.85 -14.41 1.30
C TYR A 732 -20.50 -14.96 2.71
N GLN A 733 -21.53 -15.19 3.53
CA GLN A 733 -21.31 -15.76 4.87
C GLN A 733 -20.80 -17.18 4.80
N LYS A 734 -21.33 -17.97 3.86
CA LYS A 734 -21.03 -19.39 3.77
C LYS A 734 -19.66 -19.75 3.20
N THR A 735 -19.13 -18.94 2.28
CA THR A 735 -17.81 -19.26 1.71
C THR A 735 -16.65 -18.98 2.68
N SER A 736 -15.69 -19.90 2.76
CA SER A 736 -14.50 -19.71 3.60
C SER A 736 -13.42 -18.88 2.91
N LEU A 737 -13.48 -18.82 1.59
CA LEU A 737 -12.47 -18.13 0.81
C LEU A 737 -12.65 -16.61 0.85
N ALA A 738 -11.69 -15.92 1.46
CA ALA A 738 -11.76 -14.46 1.55
C ALA A 738 -11.82 -13.77 0.17
N GLN A 739 -11.11 -14.31 -0.81
CA GLN A 739 -11.11 -13.74 -2.16
C GLN A 739 -12.50 -13.79 -2.80
N GLU A 740 -13.24 -14.86 -2.54
CA GLU A 740 -14.64 -14.96 -2.98
C GLU A 740 -15.54 -13.99 -2.20
N LYS A 741 -15.43 -14.00 -0.87
CA LYS A 741 -16.16 -13.06 -0.01
C LYS A 741 -16.07 -11.65 -0.57
N GLU A 742 -14.85 -11.21 -0.88
CA GLU A 742 -14.63 -9.86 -1.36
C GLU A 742 -15.40 -9.56 -2.66
N LYS A 743 -15.43 -10.53 -3.57
CA LYS A 743 -16.13 -10.34 -4.83
C LYS A 743 -17.63 -10.21 -4.56
N LEU A 744 -18.13 -11.04 -3.65
CA LEU A 744 -19.53 -11.05 -3.29
C LEU A 744 -19.96 -9.73 -2.63
N LEU A 745 -19.06 -9.15 -1.84
CA LEU A 745 -19.28 -7.83 -1.23
C LEU A 745 -19.43 -6.72 -2.29
N TYR A 746 -18.64 -6.82 -3.35
CA TYR A 746 -18.75 -5.90 -4.48
C TYR A 746 -20.07 -6.14 -5.24
N GLY A 747 -20.42 -7.40 -5.47
CA GLY A 747 -21.75 -7.76 -5.98
C GLY A 747 -22.89 -7.10 -5.19
N LEU A 748 -22.88 -7.29 -3.86
CA LEU A 748 -23.92 -6.71 -3.01
C LEU A 748 -23.98 -5.18 -3.11
N ALA A 749 -22.82 -4.55 -3.36
CA ALA A 749 -22.73 -3.10 -3.46
C ALA A 749 -23.24 -2.59 -4.80
N SER A 750 -23.53 -3.51 -5.73
CA SER A 750 -23.89 -3.14 -7.10
C SER A 750 -25.39 -3.05 -7.38
N VAL A 751 -26.22 -3.48 -6.43
CA VAL A 751 -27.68 -3.47 -6.62
C VAL A 751 -28.19 -2.03 -6.77
N LYS A 752 -29.11 -1.85 -7.72
CA LYS A 752 -29.70 -0.54 -7.97
C LYS A 752 -30.95 -0.41 -7.12
N ASN A 753 -30.75 -0.36 -5.81
CA ASN A 753 -31.87 -0.29 -4.88
C ASN A 753 -31.46 0.42 -3.60
N VAL A 754 -32.08 1.58 -3.35
CA VAL A 754 -31.75 2.38 -2.16
C VAL A 754 -31.98 1.64 -0.83
N THR A 755 -33.12 0.95 -0.73
CA THR A 755 -33.48 0.17 0.46
C THR A 755 -32.44 -0.89 0.78
N LEU A 756 -32.00 -1.62 -0.24
CA LEU A 756 -31.04 -2.69 -0.04
C LEU A 756 -29.65 -2.13 0.29
N LEU A 757 -29.28 -1.03 -0.35
CA LEU A 757 -28.01 -0.39 -0.04
C LEU A 757 -28.03 0.18 1.38
N SER A 758 -29.20 0.66 1.82
CA SER A 758 -29.37 1.11 3.18
C SER A 758 -29.18 -0.02 4.21
N ARG A 759 -29.74 -1.19 3.92
N ARG A 759 -29.73 -1.20 3.91
CA ARG A 759 -29.54 -2.39 4.74
CA ARG A 759 -29.54 -2.38 4.77
C ARG A 759 -28.06 -2.74 4.85
C ARG A 759 -28.06 -2.75 4.85
N TYR A 760 -27.38 -2.64 3.70
CA TYR A 760 -25.95 -2.91 3.59
C TYR A 760 -25.13 -1.98 4.48
N LEU A 761 -25.39 -0.69 4.38
CA LEU A 761 -24.68 0.29 5.21
C LEU A 761 -24.86 -0.01 6.71
N ASP A 762 -26.09 -0.36 7.11
CA ASP A 762 -26.39 -0.72 8.51
C ASP A 762 -25.58 -1.93 8.99
N LEU A 763 -25.34 -2.90 8.09
CA LEU A 763 -24.52 -4.07 8.40
C LEU A 763 -23.08 -3.74 8.80
N LEU A 764 -22.59 -2.57 8.39
CA LEU A 764 -21.25 -2.12 8.75
C LEU A 764 -21.02 -2.00 10.26
N LYS A 765 -22.11 -1.79 11.01
CA LYS A 765 -22.02 -1.73 12.47
C LYS A 765 -22.14 -3.12 13.10
N ASP A 766 -22.35 -4.13 12.27
CA ASP A 766 -22.51 -5.49 12.77
C ASP A 766 -21.25 -6.33 12.50
N THR A 767 -20.47 -6.50 13.56
CA THR A 767 -19.20 -7.21 13.51
C THR A 767 -19.35 -8.72 13.35
N ASN A 768 -20.57 -9.24 13.49
CA ASN A 768 -20.84 -10.63 13.13
C ASN A 768 -20.97 -10.84 11.62
N LEU A 769 -21.26 -9.76 10.89
CA LEU A 769 -21.47 -9.82 9.44
C LEU A 769 -20.31 -9.26 8.62
N ILE A 770 -19.91 -8.03 8.93
CA ILE A 770 -18.78 -7.39 8.24
C ILE A 770 -17.60 -7.30 9.20
N LYS A 771 -16.48 -7.89 8.82
CA LYS A 771 -15.26 -7.79 9.62
C LYS A 771 -14.74 -6.36 9.63
N THR A 772 -14.14 -5.98 10.76
CA THR A 772 -13.53 -4.68 10.98
C THR A 772 -12.56 -4.29 9.86
N GLN A 773 -11.81 -5.28 9.35
CA GLN A 773 -10.85 -5.05 8.25
C GLN A 773 -11.53 -4.67 6.93
N ASP A 774 -12.83 -4.93 6.81
CA ASP A 774 -13.53 -4.84 5.53
C ASP A 774 -14.48 -3.66 5.39
N VAL A 775 -14.66 -2.92 6.48
CA VAL A 775 -15.63 -1.84 6.53
C VAL A 775 -15.34 -0.78 5.48
N PHE A 776 -14.07 -0.34 5.38
CA PHE A 776 -13.75 0.71 4.40
C PHE A 776 -13.82 0.25 2.95
N THR A 777 -13.47 -1.02 2.76
CA THR A 777 -13.60 -1.63 1.45
C THR A 777 -15.08 -1.58 1.02
N VAL A 778 -15.98 -1.97 1.91
CA VAL A 778 -17.42 -1.91 1.59
C VAL A 778 -17.94 -0.49 1.32
N ILE A 779 -17.59 0.46 2.18
CA ILE A 779 -17.98 1.87 1.97
C ILE A 779 -17.57 2.34 0.56
N ARG A 780 -16.36 1.97 0.16
CA ARG A 780 -15.81 2.38 -1.12
C ARG A 780 -16.58 1.70 -2.27
N TYR A 781 -16.88 0.39 -2.13
CA TYR A 781 -17.70 -0.31 -3.14
C TYR A 781 -19.06 0.38 -3.34
N ILE A 782 -19.73 0.68 -2.23
CA ILE A 782 -21.00 1.35 -2.26
C ILE A 782 -20.89 2.73 -2.91
N SER A 783 -19.79 3.44 -2.65
CA SER A 783 -19.60 4.77 -3.24
C SER A 783 -19.51 4.70 -4.78
N TYR A 784 -19.14 3.55 -5.35
CA TYR A 784 -19.09 3.40 -6.81
C TYR A 784 -20.46 3.20 -7.46
N ASN A 785 -21.45 2.84 -6.63
CA ASN A 785 -22.82 2.65 -7.08
C ASN A 785 -23.46 3.99 -7.46
N SER A 786 -24.18 4.06 -8.57
CA SER A 786 -24.79 5.32 -8.98
C SER A 786 -25.67 5.96 -7.91
N TYR A 787 -26.33 5.15 -7.08
CA TYR A 787 -27.02 5.68 -5.89
C TYR A 787 -26.07 5.79 -4.73
N GLY A 788 -25.22 4.77 -4.58
CA GLY A 788 -24.29 4.70 -3.46
C GLY A 788 -23.24 5.80 -3.39
N LYS A 789 -22.98 6.47 -4.52
CA LYS A 789 -22.01 7.57 -4.50
C LYS A 789 -22.37 8.54 -3.36
N ASN A 790 -23.60 9.05 -3.38
CA ASN A 790 -24.00 9.95 -2.32
C ASN A 790 -24.41 9.25 -1.02
N MET A 791 -24.85 7.99 -1.11
CA MET A 791 -25.20 7.27 0.12
C MET A 791 -23.99 7.04 1.04
N ALA A 792 -22.89 6.55 0.48
CA ALA A 792 -21.68 6.27 1.26
C ALA A 792 -21.13 7.57 1.86
N TRP A 793 -21.14 8.62 1.04
CA TRP A 793 -20.65 9.94 1.41
C TRP A 793 -21.52 10.49 2.55
N ASN A 794 -22.83 10.34 2.43
CA ASN A 794 -23.73 10.78 3.48
C ASN A 794 -23.58 9.97 4.77
N TRP A 795 -23.38 8.66 4.61
CA TRP A 795 -23.26 7.77 5.74
C TRP A 795 -21.98 8.02 6.56
N ILE A 796 -20.85 8.27 5.91
CA ILE A 796 -19.60 8.54 6.67
C ILE A 796 -19.72 9.87 7.41
N GLN A 797 -20.52 10.80 6.89
CA GLN A 797 -20.73 12.04 7.60
C GLN A 797 -21.60 11.85 8.83
N LEU A 798 -22.75 11.18 8.65
CA LEU A 798 -23.67 10.95 9.74
C LEU A 798 -23.03 10.12 10.85
N ASN A 799 -22.11 9.23 10.46
CA ASN A 799 -21.53 8.26 11.35
C ASN A 799 -20.05 8.52 11.65
N TRP A 800 -19.60 9.75 11.40
CA TRP A 800 -18.22 10.11 11.60
C TRP A 800 -17.73 9.88 13.03
N ASP A 801 -18.48 10.36 14.02
CA ASP A 801 -18.10 10.14 15.44
C ASP A 801 -17.97 8.65 15.78
N TYR A 802 -18.93 7.87 15.31
CA TYR A 802 -18.90 6.42 15.43
C TYR A 802 -17.63 5.80 14.83
N LEU A 803 -17.26 6.23 13.63
CA LEU A 803 -16.07 5.69 12.97
C LEU A 803 -14.80 6.09 13.71
N VAL A 804 -14.76 7.34 14.16
CA VAL A 804 -13.58 7.85 14.86
C VAL A 804 -13.40 7.07 16.17
N ASN A 805 -14.50 6.88 16.90
CA ASN A 805 -14.45 6.12 18.15
C ASN A 805 -14.03 4.67 17.89
N ARG A 806 -14.51 4.08 16.79
CA ARG A 806 -14.18 2.70 16.46
C ARG A 806 -12.73 2.51 16.00
N TYR A 807 -12.24 3.43 15.17
CA TYR A 807 -10.94 3.24 14.52
C TYR A 807 -9.82 4.11 15.06
N THR A 808 -10.18 5.24 15.68
CA THR A 808 -9.25 6.32 16.09
C THR A 808 -8.74 7.12 14.88
N LEU A 809 -8.37 8.39 15.10
CA LEU A 809 -7.86 9.29 14.06
C LEU A 809 -6.48 8.90 13.55
N ASN A 810 -5.82 7.98 14.24
CA ASN A 810 -4.52 7.45 13.82
C ASN A 810 -4.66 6.38 12.76
N ASN A 811 -5.89 5.92 12.51
CA ASN A 811 -6.13 4.89 11.50
C ASN A 811 -6.06 5.44 10.09
N ARG A 812 -5.14 4.89 9.31
CA ARG A 812 -4.83 5.33 7.93
C ARG A 812 -6.03 5.15 7.01
N ASN A 813 -6.69 3.99 7.08
CA ASN A 813 -7.81 3.72 6.19
C ASN A 813 -8.99 4.64 6.45
N LEU A 814 -9.21 4.98 7.73
CA LEU A 814 -10.23 5.96 8.07
C LEU A 814 -9.88 7.34 7.53
N GLY A 815 -8.62 7.74 7.66
CA GLY A 815 -8.18 9.03 7.11
C GLY A 815 -8.44 9.13 5.62
N ARG A 816 -8.21 8.02 4.92
CA ARG A 816 -8.35 7.94 3.49
C ARG A 816 -9.79 7.85 2.95
N ILE A 817 -10.76 7.49 3.79
CA ILE A 817 -12.11 7.21 3.28
C ILE A 817 -12.75 8.42 2.57
N VAL A 818 -12.32 9.64 2.93
CA VAL A 818 -12.84 10.85 2.27
C VAL A 818 -12.55 10.86 0.76
N THR A 819 -11.63 10.04 0.28
CA THR A 819 -11.34 9.99 -1.17
C THR A 819 -12.48 9.34 -1.98
N ILE A 820 -13.54 8.88 -1.30
CA ILE A 820 -14.75 8.45 -2.04
C ILE A 820 -15.40 9.64 -2.71
N ALA A 821 -14.96 10.85 -2.34
CA ALA A 821 -15.45 12.10 -2.92
C ALA A 821 -14.68 12.51 -4.18
N GLU A 822 -13.68 11.73 -4.59
CA GLU A 822 -12.91 12.04 -5.82
C GLU A 822 -13.71 12.35 -7.09
N PRO A 823 -14.81 11.62 -7.35
CA PRO A 823 -15.59 11.93 -8.57
C PRO A 823 -16.39 13.24 -8.48
N PHE A 824 -16.43 13.91 -7.33
CA PHE A 824 -17.25 15.13 -7.22
C PHE A 824 -16.68 16.20 -8.16
N ASN A 825 -17.59 16.96 -8.79
CA ASN A 825 -17.19 17.90 -9.83
C ASN A 825 -18.07 19.16 -9.92
N THR A 826 -18.81 19.47 -8.85
CA THR A 826 -19.59 20.70 -8.79
C THR A 826 -19.20 21.56 -7.60
N GLU A 827 -19.46 22.86 -7.70
CA GLU A 827 -19.31 23.79 -6.59
C GLU A 827 -20.17 23.36 -5.38
N LEU A 828 -21.35 22.83 -5.63
CA LEU A 828 -22.24 22.37 -4.54
C LEU A 828 -21.58 21.24 -3.74
N GLN A 829 -21.00 20.27 -4.45
CA GLN A 829 -20.34 19.14 -3.80
C GLN A 829 -19.09 19.55 -3.04
N LEU A 830 -18.29 20.43 -3.64
CA LEU A 830 -17.12 20.99 -2.98
C LEU A 830 -17.51 21.71 -1.67
N TRP A 831 -18.57 22.50 -1.71
CA TRP A 831 -19.11 23.17 -0.52
C TRP A 831 -19.53 22.17 0.59
N GLN A 832 -20.16 21.06 0.19
CA GLN A 832 -20.53 19.97 1.10
C GLN A 832 -19.28 19.41 1.81
N MET A 833 -18.25 19.11 1.02
CA MET A 833 -16.99 18.61 1.53
C MET A 833 -16.37 19.61 2.51
N GLU A 834 -16.24 20.86 2.10
CA GLU A 834 -15.65 21.88 2.97
C GLU A 834 -16.46 22.07 4.24
N SER A 835 -17.80 22.00 4.14
CA SER A 835 -18.66 22.15 5.31
C SER A 835 -18.47 21.00 6.31
N PHE A 836 -18.36 19.78 5.79
CA PHE A 836 -18.16 18.62 6.63
C PHE A 836 -16.76 18.69 7.27
N PHE A 837 -15.75 19.03 6.48
CA PHE A 837 -14.39 19.16 6.99
C PHE A 837 -14.28 20.25 8.06
N ALA A 838 -15.00 21.35 7.87
CA ALA A 838 -15.01 22.42 8.87
C ALA A 838 -15.69 21.98 10.18
N LYS A 839 -16.65 21.06 10.06
CA LYS A 839 -17.37 20.60 11.24
C LYS A 839 -16.51 19.64 12.06
N TYR A 840 -15.68 18.85 11.39
CA TYR A 840 -14.78 17.91 12.06
C TYR A 840 -13.36 18.22 11.63
N PRO A 841 -12.78 19.31 12.18
CA PRO A 841 -11.48 19.80 11.73
C PRO A 841 -10.29 18.96 12.23
N GLN A 842 -10.51 18.08 13.20
N GLN A 842 -10.51 18.09 13.22
CA GLN A 842 -9.46 17.18 13.68
CA GLN A 842 -9.45 17.17 13.69
C GLN A 842 -9.36 15.99 12.74
C GLN A 842 -9.38 16.00 12.73
N ALA A 843 -8.47 16.10 11.75
CA ALA A 843 -8.41 15.13 10.66
C ALA A 843 -7.51 13.93 10.94
N GLY A 844 -6.55 14.11 11.85
CA GLY A 844 -5.59 13.06 12.16
C GLY A 844 -4.88 12.58 10.90
N ALA A 845 -4.86 11.26 10.70
CA ALA A 845 -4.24 10.67 9.51
C ALA A 845 -4.99 10.99 8.22
N GLY A 846 -6.09 11.73 8.33
CA GLY A 846 -6.85 12.15 7.15
C GLY A 846 -6.49 13.52 6.65
N GLU A 847 -5.51 14.17 7.29
CA GLU A 847 -5.12 15.53 6.91
C GLU A 847 -4.69 15.63 5.44
N LYS A 848 -3.75 14.78 5.02
CA LYS A 848 -3.31 14.79 3.61
C LYS A 848 -4.40 14.36 2.62
N PRO A 849 -5.06 13.20 2.85
CA PRO A 849 -6.17 12.79 1.99
C PRO A 849 -7.23 13.88 1.79
N ARG A 850 -7.57 14.62 2.84
CA ARG A 850 -8.49 15.74 2.71
C ARG A 850 -7.94 16.79 1.74
N GLU A 851 -6.69 17.18 1.91
CA GLU A 851 -6.06 18.15 1.02
C GLU A 851 -6.09 17.67 -0.41
N GLN A 852 -5.76 16.40 -0.62
CA GLN A 852 -5.71 15.83 -1.96
C GLN A 852 -7.09 15.76 -2.62
N VAL A 853 -8.10 15.29 -1.89
CA VAL A 853 -9.44 15.18 -2.49
C VAL A 853 -10.06 16.55 -2.79
N LEU A 854 -9.79 17.55 -1.94
CA LEU A 854 -10.20 18.93 -2.24
C LEU A 854 -9.56 19.43 -3.52
N GLU A 855 -8.26 19.19 -3.68
CA GLU A 855 -7.56 19.64 -4.89
C GLU A 855 -8.17 18.97 -6.12
N THR A 856 -8.43 17.67 -6.02
CA THR A 856 -9.03 16.89 -7.11
C THR A 856 -10.40 17.41 -7.51
N VAL A 857 -11.25 17.69 -6.52
CA VAL A 857 -12.60 18.15 -6.81
C VAL A 857 -12.57 19.55 -7.43
N LYS A 858 -11.69 20.42 -6.93
CA LYS A 858 -11.49 21.75 -7.54
C LYS A 858 -10.97 21.64 -8.97
N ASN A 859 -10.03 20.73 -9.22
CA ASN A 859 -9.59 20.44 -10.59
C ASN A 859 -10.74 19.96 -11.45
N ASN A 860 -11.58 19.08 -10.90
CA ASN A 860 -12.73 18.56 -11.65
C ASN A 860 -13.64 19.68 -12.13
N ILE A 861 -13.96 20.63 -11.23
CA ILE A 861 -14.85 21.75 -11.55
C ILE A 861 -14.25 22.56 -12.71
N GLU A 862 -12.95 22.84 -12.61
CA GLU A 862 -12.24 23.60 -13.62
C GLU A 862 -12.18 22.84 -14.94
N TRP A 863 -11.87 21.55 -14.84
CA TRP A 863 -11.79 20.67 -16.01
C TRP A 863 -13.08 20.73 -16.83
N LEU A 864 -14.22 20.61 -16.18
CA LEU A 864 -15.52 20.66 -16.85
C LEU A 864 -15.76 21.99 -17.56
N LYS A 865 -15.37 23.08 -16.90
CA LYS A 865 -15.50 24.42 -17.45
C LYS A 865 -14.66 24.55 -18.73
N GLN A 866 -13.44 24.03 -18.67
CA GLN A 866 -12.47 24.22 -19.75
C GLN A 866 -12.68 23.31 -20.96
N HIS A 867 -13.20 22.11 -20.73
CA HIS A 867 -13.16 21.08 -21.76
C HIS A 867 -14.49 20.53 -22.28
N ARG A 868 -15.61 20.86 -21.65
CA ARG A 868 -16.89 20.28 -22.09
C ARG A 868 -17.13 20.48 -23.58
N ASN A 869 -17.00 21.73 -24.04
CA ASN A 869 -17.27 22.05 -25.43
C ASN A 869 -16.35 21.37 -26.44
N THR A 870 -15.04 21.38 -26.16
CA THR A 870 -14.03 20.74 -27.01
C THR A 870 -14.31 19.25 -27.14
N ILE A 871 -14.55 18.60 -26.01
CA ILE A 871 -14.82 17.17 -26.02
C ILE A 871 -16.15 16.86 -26.71
N ARG A 872 -17.18 17.67 -26.45
CA ARG A 872 -18.46 17.55 -27.14
C ARG A 872 -18.27 17.65 -28.66
N GLU A 873 -17.52 18.66 -29.10
CA GLU A 873 -17.26 18.88 -30.53
C GLU A 873 -16.60 17.68 -31.19
N TRP A 874 -15.54 17.15 -30.57
CA TRP A 874 -14.84 15.98 -31.08
C TRP A 874 -15.79 14.81 -31.29
N PHE A 875 -16.58 14.49 -30.27
CA PHE A 875 -17.54 13.38 -30.37
C PHE A 875 -18.67 13.61 -31.36
N PHE A 876 -19.25 14.81 -31.35
CA PHE A 876 -20.32 15.16 -32.29
C PHE A 876 -19.84 15.06 -33.74
N ASN A 877 -18.68 15.63 -34.02
CA ASN A 877 -18.11 15.64 -35.38
C ASN A 877 -17.72 14.26 -35.89
N LEU A 878 -17.38 13.37 -34.96
CA LEU A 878 -17.01 12.02 -35.31
C LEU A 878 -18.24 11.14 -35.57
N LEU A 879 -19.21 11.20 -34.66
CA LEU A 879 -20.36 10.27 -34.69
C LEU A 879 -21.42 10.64 -35.73
C1 NAG B . -12.67 -3.71 25.70
C2 NAG B . -12.72 -2.20 25.57
C3 NAG B . -12.75 -1.54 26.94
C4 NAG B . -13.88 -2.14 27.80
C5 NAG B . -13.64 -3.64 27.90
C6 NAG B . -14.68 -4.33 28.78
C7 NAG B . -11.56 -1.25 23.62
C8 NAG B . -10.20 -0.92 23.06
N2 NAG B . -11.55 -1.75 24.85
O3 NAG B . -12.93 -0.16 26.79
O4 NAG B . -13.89 -1.52 29.08
O5 NAG B . -13.67 -4.19 26.60
O6 NAG B . -15.78 -4.77 27.98
O7 NAG B . -12.57 -1.06 22.95
C1 NAG B . -15.15 -0.86 29.36
C2 NAG B . -15.18 -0.42 30.82
C3 NAG B . -16.51 0.27 31.15
C4 NAG B . -16.85 1.37 30.14
C5 NAG B . -16.70 0.84 28.71
C6 NAG B . -16.91 1.93 27.66
C7 NAG B . -13.72 -1.84 32.18
C8 NAG B . -13.61 -3.06 33.05
N2 NAG B . -14.94 -1.54 31.72
O3 NAG B . -16.45 0.85 32.44
O4 NAG B . -18.16 1.83 30.39
O5 NAG B . -15.41 0.26 28.52
O6 NAG B . -15.74 2.71 27.52
O7 NAG B . -12.70 -1.16 31.94
C1 NAG C . 3.19 -25.97 -6.29
C2 NAG C . 1.94 -25.99 -7.18
C3 NAG C . 1.67 -27.43 -7.67
C4 NAG C . 2.95 -28.13 -8.17
C5 NAG C . 4.03 -27.94 -7.10
C6 NAG C . 5.39 -28.62 -7.26
C7 NAG C . -0.05 -24.50 -6.72
C8 NAG C . -0.40 -24.28 -8.17
N2 NAG C . 0.90 -25.36 -6.38
O3 NAG C . 0.70 -27.42 -8.69
O4 NAG C . 2.68 -29.50 -8.38
O5 NAG C . 4.26 -26.55 -6.98
O6 NAG C . 6.34 -27.69 -7.75
O7 NAG C . -0.71 -23.90 -5.85
C1 NAG C . 2.88 -29.89 -9.75
C2 NAG C . 3.19 -31.40 -9.80
C3 NAG C . 3.14 -32.00 -11.21
C4 NAG C . 2.02 -31.42 -12.08
C5 NAG C . 1.96 -29.91 -11.94
C6 NAG C . 0.82 -29.31 -12.75
C7 NAG C . 5.68 -31.22 -9.60
C8 NAG C . 6.83 -31.45 -8.62
N2 NAG C . 4.48 -31.65 -9.18
O3 NAG C . 2.97 -33.40 -11.10
O4 NAG C . 2.24 -31.80 -13.43
O5 NAG C . 1.76 -29.58 -10.57
O6 NAG C . -0.34 -29.22 -11.93
O7 NAG C . 5.87 -30.68 -10.70
C1 NAG D . -7.62 15.14 -35.02
C2 NAG D . -7.90 14.37 -36.32
C3 NAG D . -8.69 15.17 -37.35
C4 NAG D . -9.87 15.93 -36.72
C5 NAG D . -9.38 16.64 -35.43
C6 NAG D . -10.41 17.52 -34.73
C7 NAG D . -6.35 12.61 -37.01
C8 NAG D . -7.41 11.59 -36.75
N2 NAG D . -6.64 13.89 -36.84
O3 NAG D . -9.17 14.32 -38.37
O4 NAG D . -10.41 16.82 -37.69
O5 NAG D . -8.83 15.68 -34.52
O6 NAG D . -11.48 16.75 -34.20
O7 NAG D . -5.24 12.23 -37.38
C1 NAG D . -11.84 16.71 -37.83
C2 NAG D . -12.42 17.84 -38.68
C3 NAG D . -13.96 17.78 -38.74
C4 NAG D . -14.49 16.38 -39.07
C5 NAG D . -13.71 15.32 -38.26
C6 NAG D . -14.13 13.92 -38.66
C7 NAG D . -10.98 19.83 -38.72
C8 NAG D . -10.82 21.26 -38.21
N2 NAG D . -12.01 19.16 -38.21
O3 NAG D . -14.44 18.69 -39.69
O4 NAG D . -15.88 16.27 -38.73
O5 NAG D . -12.30 15.49 -38.40
O6 NAG D . -15.13 13.47 -37.76
O7 NAG D . -10.18 19.34 -39.54
C1 NAG D . -16.77 16.76 -39.74
C2 NAG D . -18.05 15.91 -39.81
C3 NAG D . -19.00 16.51 -40.85
C4 NAG D . -19.32 17.95 -40.45
C5 NAG D . -18.02 18.75 -40.35
C6 NAG D . -18.31 20.17 -39.87
C7 NAG D . -18.58 13.49 -39.67
C8 NAG D . -18.09 12.10 -39.95
N2 NAG D . -17.78 14.50 -40.07
O3 NAG D . -20.19 15.76 -40.95
O4 NAG D . -20.20 18.54 -41.38
O5 NAG D . -17.10 18.13 -39.47
O6 NAG D . -17.27 21.04 -40.28
O7 NAG D . -19.67 13.64 -39.10
C1 NAG E . -22.59 -12.82 -25.22
C2 NAG E . -23.95 -13.13 -25.81
C3 NAG E . -23.83 -13.58 -27.26
C4 NAG E . -22.96 -12.65 -28.10
C5 NAG E . -21.66 -12.31 -27.39
C6 NAG E . -20.90 -11.19 -28.09
C7 NAG E . -25.71 -13.95 -24.31
C8 NAG E . -26.20 -15.09 -23.48
N2 NAG E . -24.56 -14.15 -24.96
O3 NAG E . -25.11 -13.62 -27.84
O4 NAG E . -22.68 -13.31 -29.33
O5 NAG E . -21.87 -11.90 -26.04
O6 NAG E . -19.58 -11.20 -27.59
O7 NAG E . -26.35 -12.90 -24.37
C1 NAG E . -23.09 -12.55 -30.49
C2 NAG E . -22.47 -13.16 -31.74
C3 NAG E . -22.75 -12.26 -32.94
C4 NAG E . -24.26 -12.13 -33.15
C5 NAG E . -24.92 -11.75 -31.81
C6 NAG E . -26.45 -11.80 -31.88
C7 NAG E . -20.01 -12.79 -31.44
C8 NAG E . -18.70 -13.50 -31.25
N2 NAG E . -21.07 -13.58 -31.59
O3 NAG E . -22.08 -12.77 -34.07
O4 NAG E . -24.62 -11.12 -34.10
O5 NAG E . -24.49 -12.53 -30.69
O6 NAG E . -26.87 -13.13 -32.09
O7 NAG E . -20.06 -11.56 -31.47
C1 NAG E . -24.33 -11.41 -35.50
C2 NAG E . -25.08 -10.42 -36.41
C3 NAG E . -24.54 -10.45 -37.84
C4 NAG E . -23.02 -10.36 -37.91
C5 NAG E . -22.42 -11.45 -37.05
C6 NAG E . -20.91 -11.30 -37.03
C7 NAG E . -27.38 -11.21 -37.20
C8 NAG E . -26.85 -12.27 -38.13
N2 NAG E . -26.53 -10.49 -36.41
O3 NAG E . -25.12 -9.41 -38.59
O4 NAG E . -22.62 -10.53 -39.25
O5 NAG E . -22.93 -11.34 -35.73
O6 NAG E . -20.28 -12.43 -37.66
O7 NAG E . -28.62 -11.03 -37.18
C1 NAG F . -34.28 -10.60 3.00
C2 NAG F . -35.70 -11.14 3.21
C3 NAG F . -36.46 -10.41 4.32
C4 NAG F . -35.57 -10.48 5.56
C5 NAG F . -34.28 -9.71 5.29
C6 NAG F . -33.35 -9.68 6.48
C7 NAG F . -36.65 -12.10 1.17
C8 NAG F . -37.55 -11.87 -0.01
N2 NAG F . -36.51 -11.08 2.00
O3 NAG F . -37.68 -11.06 4.56
O4 NAG F . -36.22 -10.32 6.83
O5 NAG F . -33.59 -10.36 4.23
O6 NAG F . -33.03 -11.00 6.84
O7 NAG F . -36.07 -13.17 1.30
C1 NAG F . -36.80 -9.08 7.26
C2 NAG F . -37.34 -9.45 8.64
C3 NAG F . -37.72 -8.26 9.53
C4 NAG F . -36.75 -7.08 9.41
C5 NAG F . -36.36 -6.84 7.96
C6 NAG F . -35.26 -5.81 7.84
C7 NAG F . -38.51 -11.59 8.92
C8 NAG F . -37.29 -12.13 9.62
N2 NAG F . -38.49 -10.32 8.50
O3 NAG F . -37.75 -8.71 10.89
O4 NAG F . -37.38 -5.93 9.95
O5 NAG F . -35.85 -8.04 7.39
O6 NAG F . -35.11 -5.56 6.45
O7 NAG F . -39.48 -12.30 8.75
ZN ZN G . 6.02 -2.87 2.67
C1 NAG H . 17.41 23.75 -31.29
C2 NAG H . 17.06 24.92 -32.21
C3 NAG H . 18.17 25.11 -33.25
C4 NAG H . 19.55 25.16 -32.57
C5 NAG H . 19.73 24.11 -31.45
C6 NAG H . 20.98 24.40 -30.62
C7 NAG H . 15.21 23.90 -33.60
C8 NAG H . 13.78 24.10 -34.02
N2 NAG H . 15.71 24.83 -32.79
O3 NAG H . 17.95 26.29 -33.97
O4 NAG H . 20.55 24.96 -33.55
O5 NAG H . 18.60 24.06 -30.60
O6 NAG H . 20.72 25.41 -29.68
O7 NAG H . 15.83 22.92 -34.02
C1 NAG I . -36.02 -2.24 -3.75
C2 NAG I . -37.27 -2.18 -4.62
C3 NAG I . -38.53 -2.22 -3.77
C4 NAG I . -38.49 -3.33 -2.73
C5 NAG I . -37.17 -3.25 -1.94
C6 NAG I . -37.03 -4.38 -0.95
C7 NAG I . -36.76 -0.79 -6.57
C8 NAG I . -36.83 0.59 -7.16
N2 NAG I . -37.29 -0.94 -5.37
O3 NAG I . -39.68 -2.34 -4.59
O4 NAG I . -39.59 -3.17 -1.84
O5 NAG I . -36.06 -3.29 -2.81
O6 NAG I . -37.33 -5.59 -1.60
O7 NAG I . -36.23 -1.69 -7.20
C1 NAG J . 20.42 3.13 19.72
C2 NAG J . 20.21 2.09 18.61
C3 NAG J . 20.84 2.54 17.29
C4 NAG J . 20.43 3.99 16.98
C5 NAG J . 20.69 4.90 18.19
C6 NAG J . 20.30 6.35 17.93
C7 NAG J . 21.86 0.28 19.22
C8 NAG J . 21.95 -1.16 19.61
N2 NAG J . 20.62 0.75 19.00
O3 NAG J . 20.41 1.69 16.25
O4 NAG J . 21.13 4.46 15.84
O5 NAG J . 19.98 4.41 19.32
O6 NAG J . 21.27 6.96 17.08
O7 NAG J . 22.90 0.95 19.11
#